data_2Q2R
#
_entry.id   2Q2R
#
_cell.length_a   107.937
_cell.length_b   125.697
_cell.length_c   65.112
_cell.angle_alpha   90.00
_cell.angle_beta   90.00
_cell.angle_gamma   90.00
#
_symmetry.space_group_name_H-M   'P 21 21 2'
#
loop_
_entity.id
_entity.type
_entity.pdbx_description
1 polymer 'Glucokinase 1, putative'
2 non-polymer beta-D-glucopyranose
3 non-polymer "ADENOSINE-5'-DIPHOSPHATE"
4 water water
#
_entity_poly.entity_id   1
_entity_poly.type   'polypeptide(L)'
_entity_poly.pdbx_seq_one_letter_code
;APAGSHMNIKELSLHELCEELKTPAWNAPLTFVGDVGGTSARMGFVREGKNDSVHACVTRYSMKRKDITEIIEFFNEIIE
LMPASVMKRVKAGVINVPGPVTGGAVGGPFNNLKGIARLSDYPKALFPPGHSAILNDLEAGGFGVLAVSDAHVFSEYFGV
MWEGTQWRTCEQEPAGSVIGRGRCLVLAPGTGLGSSLIYYNPPMNQHIVVPLELGSQTLPMRKDIDYIQTLHAELKLFPN
YENMVSGAGLEFHYRQVVRGSRPPCSAGEIAKLASEGDANACKAMKKYHEYLMRVGSEASMALLPLTIVLVGDNIVNNAF
FYRNPQNLKEMHHEALNHEMERFGFQSRVSYLRQKKLLNLNLMGCYRCGLDLS
;
_entity_poly.pdbx_strand_id   A,B
#
loop_
_chem_comp.id
_chem_comp.type
_chem_comp.name
_chem_comp.formula
ADP non-polymer ADENOSINE-5'-DIPHOSPHATE 'C10 H15 N5 O10 P2'
BGC D-saccharide, beta linking beta-D-glucopyranose 'C6 H12 O6'
#
# COMPACT_ATOMS: atom_id res chain seq x y z
N ALA A 1 -1.38 -12.70 -33.25
CA ALA A 1 -2.29 -11.72 -33.91
C ALA A 1 -2.61 -10.49 -33.03
N PRO A 2 -3.03 -10.71 -31.76
CA PRO A 2 -3.41 -9.60 -30.86
C PRO A 2 -2.38 -8.45 -30.77
N ALA A 3 -2.83 -7.20 -30.94
CA ALA A 3 -1.93 -6.06 -30.93
C ALA A 3 -1.09 -6.02 -29.66
N GLY A 4 0.23 -5.93 -29.84
CA GLY A 4 1.17 -5.78 -28.74
C GLY A 4 1.74 -7.06 -28.17
N SER A 5 1.25 -8.21 -28.66
CA SER A 5 1.55 -9.51 -28.07
C SER A 5 2.93 -10.08 -28.42
N HIS A 6 3.51 -9.62 -29.52
CA HIS A 6 4.86 -10.04 -29.90
C HIS A 6 5.86 -9.17 -29.14
N MET A 7 6.61 -9.82 -28.24
CA MET A 7 7.60 -9.12 -27.45
C MET A 7 8.95 -9.81 -27.56
N ASN A 8 9.82 -9.24 -28.40
CA ASN A 8 11.14 -9.80 -28.63
C ASN A 8 12.23 -9.03 -27.90
N ILE A 9 12.98 -9.74 -27.07
CA ILE A 9 14.09 -9.16 -26.33
C ILE A 9 15.35 -9.97 -26.65
N LYS A 10 16.25 -9.38 -27.42
CA LYS A 10 17.49 -10.08 -27.76
C LYS A 10 18.71 -9.42 -27.12
N GLU A 11 19.53 -10.25 -26.50
CA GLU A 11 20.73 -9.83 -25.78
C GLU A 11 21.93 -9.93 -26.72
N LEU A 12 22.67 -8.84 -26.89
CA LEU A 12 23.81 -8.84 -27.78
C LEU A 12 25.05 -8.22 -27.13
N SER A 13 26.20 -8.45 -27.75
CA SER A 13 27.43 -7.76 -27.42
C SER A 13 27.20 -6.28 -27.71
N LEU A 14 27.99 -5.43 -27.08
CA LEU A 14 27.87 -4.01 -27.34
C LEU A 14 28.06 -3.71 -28.82
N HIS A 15 29.03 -4.37 -29.45
CA HIS A 15 29.28 -4.16 -30.88
C HIS A 15 28.10 -4.60 -31.74
N GLU A 16 27.61 -5.81 -31.46
CA GLU A 16 26.48 -6.40 -32.18
C GLU A 16 25.26 -5.53 -31.99
N LEU A 17 25.03 -5.10 -30.75
CA LEU A 17 23.95 -4.17 -30.47
C LEU A 17 24.06 -2.96 -31.38
N CYS A 18 25.26 -2.41 -31.47
CA CYS A 18 25.51 -1.22 -32.27
C CYS A 18 25.24 -1.45 -33.77
N GLU A 19 25.67 -2.60 -34.28
CA GLU A 19 25.41 -2.97 -35.67
C GLU A 19 23.92 -3.19 -35.89
N GLU A 20 23.30 -3.91 -34.97
CA GLU A 20 21.86 -4.15 -35.03
C GLU A 20 21.10 -2.83 -35.18
N LEU A 21 21.51 -1.81 -34.42
CA LEU A 21 20.81 -0.53 -34.44
C LEU A 21 21.03 0.27 -35.72
N LYS A 22 21.98 -0.17 -36.52
CA LYS A 22 22.28 0.49 -37.78
C LYS A 22 21.43 -0.08 -38.91
N THR A 23 20.83 -1.25 -38.69
CA THR A 23 19.99 -1.90 -39.69
C THR A 23 18.72 -1.09 -39.88
N PRO A 24 18.16 -1.10 -41.11
CA PRO A 24 17.02 -0.25 -41.47
C PRO A 24 15.77 -0.46 -40.60
N ALA A 25 15.56 -1.69 -40.11
CA ALA A 25 14.41 -1.98 -39.24
C ALA A 25 14.39 -1.14 -37.97
N TRP A 26 15.58 -0.69 -37.53
CA TRP A 26 15.73 0.09 -36.28
C TRP A 26 15.79 1.61 -36.49
N ASN A 27 15.49 2.06 -37.70
CA ASN A 27 15.28 3.47 -37.94
C ASN A 27 13.87 3.83 -37.48
N ALA A 28 13.71 3.93 -36.16
CA ALA A 28 12.43 4.31 -35.55
C ALA A 28 12.74 5.03 -34.23
N PRO A 29 11.71 5.59 -33.58
CA PRO A 29 11.90 6.16 -32.24
C PRO A 29 12.47 5.13 -31.25
N LEU A 30 13.53 5.50 -30.56
CA LEU A 30 14.16 4.60 -29.59
C LEU A 30 13.94 5.03 -28.14
N THR A 31 13.59 4.07 -27.29
CA THR A 31 13.61 4.29 -25.85
C THR A 31 14.83 3.57 -25.29
N PHE A 32 15.68 4.28 -24.56
CA PHE A 32 16.74 3.61 -23.83
C PHE A 32 16.15 2.95 -22.58
N VAL A 33 16.55 1.71 -22.30
CA VAL A 33 16.05 1.01 -21.10
C VAL A 33 17.17 0.33 -20.38
N GLY A 34 17.02 0.17 -19.07
CA GLY A 34 18.01 -0.58 -18.31
C GLY A 34 17.37 -1.27 -17.14
N ASP A 35 17.46 -2.59 -17.14
CA ASP A 35 16.99 -3.41 -16.04
C ASP A 35 18.23 -3.71 -15.23
N VAL A 36 18.51 -2.84 -14.27
CA VAL A 36 19.71 -2.93 -13.44
C VAL A 36 19.41 -3.70 -12.15
N GLY A 37 20.06 -4.86 -11.96
CA GLY A 37 19.88 -5.67 -10.76
C GLY A 37 21.14 -5.68 -9.89
N GLY A 38 21.12 -6.42 -8.79
CA GLY A 38 22.31 -6.46 -7.95
C GLY A 38 23.56 -7.01 -8.62
N THR A 39 23.39 -8.06 -9.40
CA THR A 39 24.54 -8.76 -9.99
C THR A 39 24.80 -8.44 -11.46
N SER A 40 23.75 -8.16 -12.23
CA SER A 40 23.92 -7.78 -13.63
C SER A 40 22.90 -6.74 -14.08
N ALA A 41 23.18 -6.12 -15.22
CA ALA A 41 22.33 -5.10 -15.79
C ALA A 41 22.15 -5.40 -17.27
N ARG A 42 20.92 -5.30 -17.74
CA ARG A 42 20.64 -5.37 -19.19
C ARG A 42 20.25 -3.99 -19.68
N MET A 43 21.08 -3.41 -20.53
CA MET A 43 20.90 -2.06 -21.04
C MET A 43 20.78 -2.10 -22.55
N GLY A 44 19.95 -1.24 -23.12
CA GLY A 44 19.70 -1.32 -24.54
C GLY A 44 18.61 -0.38 -24.98
N PHE A 45 18.00 -0.69 -26.11
CA PHE A 45 17.02 0.20 -26.72
C PHE A 45 15.87 -0.62 -27.19
N VAL A 46 14.71 0.01 -27.26
CA VAL A 46 13.46 -0.66 -27.60
C VAL A 46 12.70 0.19 -28.61
N ARG A 47 12.11 -0.46 -29.61
CA ARG A 47 11.28 0.25 -30.59
C ARG A 47 9.97 -0.50 -30.75
N GLU A 48 8.96 0.18 -31.30
CA GLU A 48 7.66 -0.44 -31.57
C GLU A 48 7.56 -0.85 -33.04
N GLY A 49 7.26 -2.12 -33.28
CA GLY A 49 7.11 -2.63 -34.63
C GLY A 49 5.66 -2.63 -35.12
N LYS A 50 5.42 -3.37 -36.19
CA LYS A 50 4.07 -3.49 -36.73
C LYS A 50 3.22 -4.35 -35.79
N ASN A 51 1.93 -4.01 -35.68
CA ASN A 51 1.00 -4.68 -34.78
C ASN A 51 1.33 -4.39 -33.31
N ASP A 52 1.75 -3.16 -33.04
CA ASP A 52 2.12 -2.76 -31.69
C ASP A 52 3.10 -3.73 -31.05
N SER A 53 3.92 -4.39 -31.88
CA SER A 53 4.94 -5.31 -31.37
C SER A 53 6.13 -4.58 -30.74
N VAL A 54 6.74 -5.25 -29.77
CA VAL A 54 7.79 -4.67 -28.96
C VAL A 54 9.10 -5.35 -29.30
N HIS A 55 10.05 -4.56 -29.80
CA HIS A 55 11.35 -5.04 -30.23
C HIS A 55 12.47 -4.44 -29.39
N ALA A 56 13.10 -5.26 -28.56
CA ALA A 56 14.18 -4.79 -27.69
C ALA A 56 15.51 -5.51 -27.93
N CYS A 57 16.61 -4.76 -27.91
CA CYS A 57 17.93 -5.38 -27.88
C CYS A 57 18.84 -4.72 -26.85
N VAL A 58 19.39 -5.55 -25.98
CA VAL A 58 20.10 -5.08 -24.82
C VAL A 58 21.44 -5.79 -24.71
N THR A 59 22.36 -5.19 -23.98
CA THR A 59 23.63 -5.83 -23.69
C THR A 59 23.71 -6.04 -22.20
N ARG A 60 24.25 -7.17 -21.77
CA ARG A 60 24.35 -7.37 -20.34
C ARG A 60 25.73 -7.00 -19.76
N TYR A 61 25.72 -6.08 -18.81
CA TYR A 61 26.92 -5.75 -18.03
C TYR A 61 26.89 -6.45 -16.69
N SER A 62 28.06 -6.72 -16.15
CA SER A 62 28.16 -7.33 -14.85
C SER A 62 28.31 -6.23 -13.81
N MET A 63 27.66 -6.41 -12.66
CA MET A 63 27.73 -5.43 -11.58
C MET A 63 28.77 -5.94 -10.60
N LYS A 64 30.00 -6.11 -11.09
CA LYS A 64 31.07 -6.73 -10.28
C LYS A 64 31.47 -5.89 -9.07
N ARG A 65 31.62 -4.59 -9.29
CA ARG A 65 32.01 -3.68 -8.22
C ARG A 65 30.88 -3.34 -7.25
N LYS A 66 29.70 -3.93 -7.46
CA LYS A 66 28.53 -3.73 -6.59
C LYS A 66 28.29 -2.27 -6.23
N ASP A 67 28.21 -1.42 -7.24
CA ASP A 67 28.14 0.01 -7.04
C ASP A 67 27.22 0.59 -8.09
N ILE A 68 26.07 1.08 -7.63
CA ILE A 68 25.04 1.58 -8.55
C ILE A 68 25.55 2.71 -9.45
N THR A 69 26.62 3.39 -9.03
CA THR A 69 27.19 4.47 -9.85
C THR A 69 27.96 3.93 -11.06
N GLU A 70 28.34 2.67 -10.98
CA GLU A 70 29.05 1.98 -12.07
C GLU A 70 28.32 2.13 -13.40
N ILE A 71 27.00 2.05 -13.37
CA ILE A 71 26.19 2.11 -14.58
C ILE A 71 26.36 3.39 -15.39
N ILE A 72 26.89 4.43 -14.76
CA ILE A 72 27.20 5.67 -15.47
C ILE A 72 28.32 5.43 -16.50
N GLU A 73 29.24 4.53 -16.16
CA GLU A 73 30.31 4.11 -17.08
C GLU A 73 29.73 3.34 -18.27
N PHE A 74 28.81 2.43 -17.97
CA PHE A 74 28.04 1.73 -18.99
C PHE A 74 27.36 2.71 -19.93
N PHE A 75 26.59 3.65 -19.41
CA PHE A 75 25.88 4.60 -20.26
C PHE A 75 26.90 5.31 -21.14
N ASN A 76 28.04 5.64 -20.55
CA ASN A 76 29.06 6.41 -21.24
C ASN A 76 29.81 5.62 -22.31
N GLU A 77 30.11 4.37 -22.01
CA GLU A 77 30.74 3.52 -23.00
C GLU A 77 29.77 3.16 -24.13
N ILE A 78 28.46 3.28 -23.87
CA ILE A 78 27.45 3.05 -24.89
C ILE A 78 27.37 4.27 -25.80
N ILE A 79 27.40 5.44 -25.19
CA ILE A 79 27.35 6.68 -25.94
C ILE A 79 28.64 6.85 -26.75
N GLU A 80 29.71 6.23 -26.25
CA GLU A 80 31.01 6.25 -26.94
C GLU A 80 30.86 5.71 -28.39
N LEU A 81 30.24 4.53 -28.52
CA LEU A 81 30.12 3.85 -29.80
C LEU A 81 29.04 4.41 -30.71
N MET A 82 27.79 4.27 -30.29
CA MET A 82 26.65 4.55 -31.16
C MET A 82 26.84 5.79 -32.03
N PRO A 83 26.49 5.67 -33.32
CA PRO A 83 26.48 6.79 -34.25
C PRO A 83 25.44 7.83 -33.89
N ALA A 84 25.69 9.07 -34.31
CA ALA A 84 24.75 10.17 -34.10
C ALA A 84 23.36 9.84 -34.67
N SER A 85 23.34 9.14 -35.82
CA SER A 85 22.11 8.72 -36.45
C SER A 85 21.19 8.00 -35.45
N VAL A 86 21.80 7.14 -34.64
CA VAL A 86 21.10 6.38 -33.61
C VAL A 86 20.70 7.26 -32.41
N MET A 87 21.68 7.97 -31.86
CA MET A 87 21.46 8.80 -30.67
C MET A 87 20.35 9.83 -30.81
N LYS A 88 20.19 10.39 -32.01
CA LYS A 88 19.11 11.34 -32.28
C LYS A 88 17.73 10.70 -32.19
N ARG A 89 17.69 9.38 -32.35
CA ARG A 89 16.40 8.68 -32.30
C ARG A 89 15.90 8.43 -30.88
N VAL A 90 16.78 8.57 -29.88
CA VAL A 90 16.39 8.32 -28.49
C VAL A 90 15.36 9.33 -28.01
N LYS A 91 14.14 8.84 -27.76
CA LYS A 91 13.04 9.69 -27.36
C LYS A 91 12.77 9.68 -25.86
N ALA A 92 13.26 8.66 -25.18
CA ALA A 92 13.10 8.53 -23.72
C ALA A 92 14.17 7.63 -23.13
N GLY A 93 14.39 7.76 -21.82
CA GLY A 93 15.36 6.92 -21.12
C GLY A 93 14.80 6.50 -19.78
N VAL A 94 14.57 5.20 -19.61
CA VAL A 94 14.02 4.68 -18.36
C VAL A 94 14.82 3.45 -17.89
N ILE A 95 15.23 3.46 -16.62
CA ILE A 95 15.85 2.28 -16.02
C ILE A 95 15.14 1.91 -14.74
N ASN A 96 15.32 0.68 -14.29
CA ASN A 96 14.86 0.26 -12.98
C ASN A 96 16.06 -0.19 -12.15
N VAL A 97 15.94 -0.08 -10.83
CA VAL A 97 16.98 -0.42 -9.86
C VAL A 97 16.40 -1.13 -8.63
N PRO A 98 17.20 -2.01 -8.00
CA PRO A 98 16.63 -2.87 -6.95
C PRO A 98 16.51 -2.19 -5.60
N GLY A 99 15.93 -1.00 -5.56
CA GLY A 99 15.74 -0.31 -4.28
C GLY A 99 14.64 0.73 -4.35
N PRO A 100 14.32 1.35 -3.21
CA PRO A 100 13.25 2.34 -3.19
C PRO A 100 13.64 3.59 -3.99
N VAL A 101 12.73 4.08 -4.81
CA VAL A 101 13.03 5.24 -5.64
C VAL A 101 12.09 6.40 -5.31
N THR A 102 12.67 7.58 -5.06
CA THR A 102 11.85 8.76 -4.81
C THR A 102 11.92 9.78 -5.96
N GLY A 103 10.78 10.42 -6.24
CA GLY A 103 10.71 11.44 -7.27
C GLY A 103 10.99 10.93 -8.66
N GLY A 104 11.04 9.61 -8.81
CA GLY A 104 11.52 8.99 -10.04
C GLY A 104 12.93 9.39 -10.40
N ALA A 105 13.74 9.77 -9.41
CA ALA A 105 15.04 10.37 -9.69
C ALA A 105 16.18 9.97 -8.77
N VAL A 106 15.85 9.41 -7.60
CA VAL A 106 16.85 9.08 -6.61
C VAL A 106 16.54 7.71 -5.99
N GLY A 107 17.38 6.73 -6.29
CA GLY A 107 17.11 5.37 -5.87
C GLY A 107 18.07 4.91 -4.82
N GLY A 108 17.58 4.12 -3.85
CA GLY A 108 18.41 3.66 -2.77
C GLY A 108 18.02 4.26 -1.43
N PRO A 109 18.74 3.90 -0.38
CA PRO A 109 19.87 2.96 -0.46
C PRO A 109 19.49 1.51 -0.79
N PHE A 110 20.47 0.75 -1.26
CA PHE A 110 20.27 -0.64 -1.65
C PHE A 110 20.88 -1.59 -0.60
N ASN A 111 20.28 -2.75 -0.39
CA ASN A 111 20.83 -3.76 0.52
C ASN A 111 22.21 -4.26 0.10
N ASN A 112 22.37 -4.47 -1.22
CA ASN A 112 23.57 -5.08 -1.78
C ASN A 112 24.29 -4.28 -2.87
N LEU A 113 24.04 -2.97 -2.92
CA LEU A 113 24.79 -2.09 -3.80
C LEU A 113 25.20 -0.83 -3.06
N LYS A 114 26.40 -0.35 -3.34
CA LYS A 114 26.89 0.86 -2.73
C LYS A 114 26.31 2.07 -3.46
N GLY A 115 25.96 3.10 -2.72
CA GLY A 115 25.63 4.36 -3.36
C GLY A 115 24.16 4.57 -3.68
N ILE A 116 23.92 5.57 -4.51
CA ILE A 116 22.60 6.08 -4.74
C ILE A 116 22.53 6.36 -6.23
N ALA A 117 21.42 5.94 -6.85
CA ALA A 117 21.20 6.16 -8.28
C ALA A 117 20.64 7.54 -8.44
N ARG A 118 21.27 8.37 -9.27
CA ARG A 118 20.83 9.76 -9.43
C ARG A 118 20.62 10.14 -10.89
N LEU A 119 19.37 10.34 -11.27
CA LEU A 119 19.00 10.66 -12.65
C LEU A 119 19.65 11.94 -13.17
N SER A 120 19.98 12.83 -12.24
CA SER A 120 20.51 14.14 -12.60
C SER A 120 21.99 14.01 -12.94
N ASP A 121 22.57 12.85 -12.59
CA ASP A 121 23.95 12.55 -12.90
C ASP A 121 24.08 11.74 -14.21
N TYR A 122 22.95 11.34 -14.79
CA TYR A 122 22.96 10.53 -16.01
C TYR A 122 23.08 11.40 -17.27
N PRO A 123 23.79 10.88 -18.29
CA PRO A 123 23.95 11.53 -19.59
C PRO A 123 22.65 11.78 -20.33
N LYS A 124 22.40 13.04 -20.69
CA LYS A 124 21.15 13.45 -21.30
C LYS A 124 20.92 12.89 -22.71
N ALA A 125 21.97 12.33 -23.30
CA ALA A 125 21.86 11.67 -24.61
C ALA A 125 20.98 10.43 -24.52
N LEU A 126 21.11 9.70 -23.42
CA LEU A 126 20.32 8.50 -23.14
C LEU A 126 19.10 8.82 -22.26
N PHE A 127 19.16 9.94 -21.56
CA PHE A 127 18.09 10.35 -20.66
C PHE A 127 17.56 11.76 -20.95
N PRO A 128 16.75 11.91 -22.01
CA PRO A 128 16.25 13.24 -22.35
C PRO A 128 15.43 13.82 -21.20
N PRO A 129 15.79 15.03 -20.73
CA PRO A 129 15.01 15.68 -19.67
C PRO A 129 13.56 15.80 -20.06
N GLY A 130 12.66 15.54 -19.11
CA GLY A 130 11.24 15.57 -19.36
C GLY A 130 10.69 14.24 -19.84
N HIS A 131 11.60 13.36 -20.26
CA HIS A 131 11.21 12.06 -20.83
C HIS A 131 12.06 10.95 -20.25
N SER A 132 12.30 10.99 -18.94
CA SER A 132 13.26 10.10 -18.29
C SER A 132 12.90 9.78 -16.83
N ALA A 133 13.24 8.58 -16.39
CA ALA A 133 12.97 8.16 -15.00
C ALA A 133 13.80 6.98 -14.51
N ILE A 134 13.98 6.93 -13.19
CA ILE A 134 14.44 5.71 -12.54
C ILE A 134 13.19 5.13 -11.92
N LEU A 135 12.91 3.86 -12.22
CA LEU A 135 11.85 3.10 -11.56
C LEU A 135 12.46 2.12 -10.56
N ASN A 136 11.68 1.71 -9.58
CA ASN A 136 12.10 0.60 -8.73
C ASN A 136 11.85 -0.66 -9.58
N ASP A 137 12.54 -1.76 -9.29
CA ASP A 137 12.43 -2.96 -10.13
C ASP A 137 11.01 -3.52 -10.25
N LEU A 138 10.33 -3.73 -9.12
CA LEU A 138 8.93 -4.18 -9.15
C LEU A 138 7.94 -3.15 -9.63
N GLU A 139 8.32 -1.88 -9.62
CA GLU A 139 7.53 -0.85 -10.27
C GLU A 139 7.62 -1.09 -11.75
N ALA A 140 8.83 -1.28 -12.25
CA ALA A 140 9.03 -1.70 -13.64
C ALA A 140 8.28 -2.98 -13.90
N GLY A 141 8.37 -3.96 -13.01
CA GLY A 141 7.68 -5.22 -13.23
C GLY A 141 6.17 -5.06 -13.36
N GLY A 142 5.58 -4.15 -12.56
CA GLY A 142 4.14 -3.93 -12.55
C GLY A 142 3.67 -3.32 -13.86
N PHE A 143 4.44 -2.39 -14.40
CA PHE A 143 4.13 -1.84 -15.72
C PHE A 143 4.22 -2.96 -16.75
N GLY A 144 5.17 -3.87 -16.55
CA GLY A 144 5.34 -5.02 -17.42
C GLY A 144 4.16 -5.98 -17.37
N VAL A 145 3.72 -6.30 -16.16
CA VAL A 145 2.51 -7.08 -15.94
C VAL A 145 1.31 -6.40 -16.62
N LEU A 146 1.15 -5.09 -16.43
CA LEU A 146 0.11 -4.34 -17.15
C LEU A 146 0.20 -4.51 -18.66
N ALA A 147 1.40 -4.36 -19.21
CA ALA A 147 1.64 -4.44 -20.66
C ALA A 147 1.23 -5.79 -21.23
N VAL A 148 1.55 -6.85 -20.49
CA VAL A 148 1.18 -8.21 -20.86
C VAL A 148 -0.33 -8.43 -20.81
N SER A 149 -1.02 -7.77 -19.89
CA SER A 149 -2.47 -7.88 -19.81
C SER A 149 -3.10 -7.13 -20.99
N ASP A 150 -2.62 -5.92 -21.24
CA ASP A 150 -3.08 -5.12 -22.36
C ASP A 150 -2.85 -5.75 -23.74
N ALA A 151 -1.86 -6.63 -23.84
CA ALA A 151 -1.56 -7.28 -25.11
C ALA A 151 -2.33 -8.60 -25.21
N HIS A 152 -3.33 -8.75 -24.35
CA HIS A 152 -4.31 -9.84 -24.44
C HIS A 152 -3.67 -11.21 -24.28
N VAL A 153 -2.48 -11.23 -23.71
CA VAL A 153 -1.66 -12.41 -23.71
C VAL A 153 -1.34 -12.87 -22.28
N PHE A 154 -2.18 -12.44 -21.33
CA PHE A 154 -2.01 -12.75 -19.92
C PHE A 154 -1.90 -14.24 -19.61
N SER A 155 -2.76 -15.05 -20.21
CA SER A 155 -2.77 -16.49 -19.93
C SER A 155 -1.65 -17.24 -20.65
N GLU A 156 -0.97 -16.55 -21.55
CA GLU A 156 0.25 -17.07 -22.13
C GLU A 156 1.41 -17.07 -21.14
N TYR A 157 1.42 -16.08 -20.24
CA TYR A 157 2.56 -15.86 -19.35
C TYR A 157 2.32 -16.15 -17.86
N PHE A 158 1.05 -16.18 -17.45
CA PHE A 158 0.72 -16.44 -16.05
C PHE A 158 -0.20 -17.63 -15.87
N GLY A 159 0.07 -18.44 -14.83
CA GLY A 159 -0.76 -19.60 -14.54
C GLY A 159 -1.47 -19.42 -13.22
N VAL A 160 -2.71 -19.90 -13.14
CA VAL A 160 -3.51 -19.76 -11.92
C VAL A 160 -3.03 -20.80 -10.93
N MET A 161 -2.78 -20.39 -9.70
CA MET A 161 -2.45 -21.35 -8.65
C MET A 161 -3.75 -21.76 -7.97
N TRP A 162 -4.55 -20.77 -7.61
CA TRP A 162 -5.92 -20.99 -7.18
C TRP A 162 -6.71 -19.71 -7.23
N GLU A 163 -7.98 -19.84 -7.64
CA GLU A 163 -8.82 -18.68 -7.85
C GLU A 163 -9.51 -18.38 -6.55
N GLY A 164 -9.45 -17.12 -6.14
CA GLY A 164 -9.99 -16.73 -4.88
C GLY A 164 -11.46 -16.43 -5.00
N THR A 165 -12.09 -16.32 -3.84
CA THR A 165 -13.50 -15.99 -3.70
C THR A 165 -14.01 -14.74 -4.43
N GLN A 166 -13.19 -13.69 -4.49
CA GLN A 166 -13.63 -12.41 -5.03
C GLN A 166 -13.64 -12.27 -6.55
N TRP A 167 -12.92 -13.11 -7.28
CA TRP A 167 -12.82 -12.93 -8.75
C TRP A 167 -14.20 -13.07 -9.44
N ARG A 168 -14.95 -14.11 -9.04
CA ARG A 168 -16.28 -14.41 -9.60
C ARG A 168 -17.22 -13.23 -9.37
N THR A 169 -16.90 -12.47 -8.33
CA THR A 169 -17.69 -11.34 -7.87
C THR A 169 -17.61 -10.12 -8.77
N CYS A 170 -16.56 -10.05 -9.59
CA CYS A 170 -16.34 -8.81 -10.33
C CYS A 170 -15.69 -9.01 -11.69
N GLU A 171 -15.49 -10.27 -12.05
CA GLU A 171 -14.95 -10.58 -13.37
C GLU A 171 -15.82 -11.50 -14.23
N GLN A 172 -16.08 -11.03 -15.45
CA GLN A 172 -16.81 -11.79 -16.44
C GLN A 172 -15.91 -12.85 -17.11
N GLU A 173 -14.60 -12.61 -17.12
CA GLU A 173 -13.64 -13.48 -17.79
C GLU A 173 -13.03 -14.52 -16.86
N PRO A 174 -12.35 -15.55 -17.43
CA PRO A 174 -11.71 -16.54 -16.56
C PRO A 174 -10.49 -15.96 -15.87
N ALA A 175 -10.20 -16.45 -14.66
CA ALA A 175 -8.99 -16.02 -13.93
C ALA A 175 -7.74 -16.33 -14.76
N GLY A 176 -6.76 -15.45 -14.71
CA GLY A 176 -5.53 -15.65 -15.45
C GLY A 176 -5.60 -15.14 -16.88
N SER A 177 -6.77 -14.69 -17.29
CA SER A 177 -6.95 -14.25 -18.68
C SER A 177 -6.67 -12.77 -18.86
N VAL A 178 -6.88 -12.01 -17.79
CA VAL A 178 -6.60 -10.58 -17.74
C VAL A 178 -6.17 -10.24 -16.34
N ILE A 179 -5.57 -9.07 -16.19
CA ILE A 179 -5.07 -8.62 -14.89
C ILE A 179 -6.24 -8.51 -13.91
N GLY A 180 -7.38 -8.07 -14.41
CA GLY A 180 -8.57 -7.96 -13.59
C GLY A 180 -8.83 -6.53 -13.12
N ARG A 181 -10.08 -6.25 -12.81
CA ARG A 181 -10.49 -4.95 -12.31
C ARG A 181 -10.46 -4.96 -10.78
N GLY A 182 -9.24 -4.95 -10.25
CA GLY A 182 -9.00 -5.05 -8.82
C GLY A 182 -7.51 -4.96 -8.59
N ARG A 183 -7.11 -4.73 -7.35
CA ARG A 183 -5.71 -4.52 -7.05
C ARG A 183 -4.91 -5.79 -7.28
N CYS A 184 -3.70 -5.61 -7.78
CA CYS A 184 -2.82 -6.70 -8.07
C CYS A 184 -1.55 -6.58 -7.22
N LEU A 185 -1.36 -7.46 -6.25
CA LEU A 185 -0.08 -7.50 -5.56
C LEU A 185 0.93 -8.36 -6.38
N VAL A 186 1.98 -7.70 -6.88
CA VAL A 186 3.03 -8.35 -7.67
C VAL A 186 4.22 -8.60 -6.76
N LEU A 187 4.59 -9.88 -6.58
CA LEU A 187 5.73 -10.27 -5.75
C LEU A 187 6.80 -10.96 -6.61
N ALA A 188 8.06 -10.60 -6.36
CA ALA A 188 9.19 -11.27 -7.03
C ALA A 188 10.25 -11.70 -6.02
N PRO A 189 10.32 -13.01 -5.67
CA PRO A 189 11.39 -13.52 -4.81
C PRO A 189 12.70 -13.92 -5.54
N GLY A 190 13.80 -13.21 -5.29
CA GLY A 190 15.08 -13.58 -5.85
C GLY A 190 16.19 -13.36 -4.85
N THR A 191 17.13 -12.47 -5.19
CA THR A 191 18.16 -12.03 -4.28
C THR A 191 17.51 -11.29 -3.13
N GLY A 192 16.59 -10.39 -3.47
CA GLY A 192 15.70 -9.79 -2.48
C GLY A 192 14.26 -10.21 -2.72
N LEU A 193 13.34 -9.64 -1.97
CA LEU A 193 11.93 -9.88 -2.23
C LEU A 193 11.28 -8.58 -2.65
N GLY A 194 10.94 -8.45 -3.93
CA GLY A 194 10.22 -7.27 -4.43
C GLY A 194 8.71 -7.40 -4.27
N SER A 195 8.05 -6.23 -4.19
CA SER A 195 6.60 -6.14 -4.07
C SER A 195 6.11 -4.82 -4.65
N SER A 196 5.05 -4.83 -5.43
CA SER A 196 4.42 -3.59 -5.89
C SER A 196 2.91 -3.82 -6.00
N LEU A 197 2.11 -2.79 -5.74
CA LEU A 197 0.67 -2.94 -5.83
C LEU A 197 0.15 -2.21 -7.07
N ILE A 198 -0.51 -2.90 -7.99
CA ILE A 198 -1.13 -2.20 -9.11
C ILE A 198 -2.55 -1.87 -8.67
N TYR A 199 -2.76 -0.60 -8.35
CA TYR A 199 -4.03 -0.16 -7.79
C TYR A 199 -4.97 0.14 -8.96
N TYR A 200 -6.27 -0.05 -8.71
CA TYR A 200 -7.29 0.17 -9.72
C TYR A 200 -8.46 1.04 -9.23
N ASN A 201 -8.90 1.95 -10.09
CA ASN A 201 -10.24 2.63 -10.03
C ASN A 201 -10.37 3.89 -10.93
N PRO A 202 -11.63 4.36 -11.17
CA PRO A 202 -11.88 5.55 -12.03
C PRO A 202 -10.81 6.63 -11.93
N GLN A 206 -6.53 4.25 -14.77
CA GLN A 206 -7.35 3.29 -14.04
C GLN A 206 -6.48 2.31 -13.21
N HIS A 207 -5.34 1.91 -13.78
CA HIS A 207 -4.34 1.10 -13.07
C HIS A 207 -3.13 1.96 -12.80
N ILE A 208 -2.77 2.04 -11.53
CA ILE A 208 -1.61 2.81 -11.14
C ILE A 208 -0.61 1.92 -10.36
N VAL A 209 0.66 1.98 -10.72
CA VAL A 209 1.64 1.11 -10.08
C VAL A 209 2.26 1.78 -8.85
N VAL A 210 1.98 1.23 -7.67
CA VAL A 210 2.55 1.79 -6.46
C VAL A 210 3.55 0.87 -5.80
N PRO A 211 4.83 1.27 -5.83
CA PRO A 211 5.98 0.60 -5.28
C PRO A 211 5.88 0.40 -3.78
N LEU A 212 6.25 -0.78 -3.31
CA LEU A 212 6.18 -1.09 -1.89
C LEU A 212 7.46 -1.78 -1.44
N GLU A 213 7.63 -1.91 -0.13
CA GLU A 213 8.79 -2.59 0.41
C GLU A 213 8.34 -3.54 1.50
N LEU A 214 7.49 -4.49 1.17
CA LEU A 214 6.92 -5.37 2.17
C LEU A 214 7.99 -6.26 2.72
N GLY A 215 8.98 -6.58 1.89
CA GLY A 215 10.03 -7.50 2.26
C GLY A 215 10.79 -7.06 3.49
N SER A 216 10.96 -5.75 3.62
CA SER A 216 11.73 -5.19 4.71
C SER A 216 10.99 -4.98 6.03
N GLN A 217 9.70 -5.31 6.08
CA GLN A 217 8.93 -5.27 7.31
C GLN A 217 9.40 -6.39 8.22
N THR A 218 9.38 -6.15 9.52
CA THR A 218 9.73 -7.15 10.51
C THR A 218 8.83 -8.35 10.33
N LEU A 219 9.40 -9.55 10.43
CA LEU A 219 8.63 -10.78 10.26
C LEU A 219 7.94 -11.08 11.57
N PRO A 220 6.61 -11.21 11.54
CA PRO A 220 5.80 -11.62 12.69
C PRO A 220 5.89 -13.10 12.97
N MET A 221 6.18 -13.44 14.22
CA MET A 221 6.21 -14.84 14.64
C MET A 221 4.79 -15.38 14.73
N ARG A 222 4.60 -16.56 14.12
CA ARG A 222 3.41 -17.37 14.34
C ARG A 222 3.78 -18.40 15.41
N LYS A 223 4.02 -19.64 15.00
CA LYS A 223 4.42 -20.70 15.93
C LYS A 223 5.87 -21.09 15.60
N ASP A 224 6.74 -20.09 15.51
CA ASP A 224 8.07 -20.29 14.95
C ASP A 224 9.04 -19.33 15.59
N ILE A 225 8.81 -19.08 16.87
CA ILE A 225 9.63 -18.20 17.66
C ILE A 225 11.04 -18.68 17.60
N ASP A 226 11.24 -19.99 17.78
CA ASP A 226 12.59 -20.55 17.80
C ASP A 226 13.30 -20.44 16.45
N TYR A 227 12.57 -20.73 15.37
CA TYR A 227 13.17 -20.66 14.04
C TYR A 227 13.64 -19.21 13.79
N ILE A 228 12.80 -18.26 14.15
CA ILE A 228 13.07 -16.85 13.86
C ILE A 228 14.20 -16.31 14.75
N GLN A 229 14.27 -16.80 15.99
CA GLN A 229 15.38 -16.45 16.87
C GLN A 229 16.74 -17.04 16.49
N THR A 230 16.72 -18.17 15.79
CA THR A 230 17.93 -18.77 15.24
C THR A 230 18.46 -17.85 14.13
N LEU A 231 17.59 -17.43 13.21
CA LEU A 231 18.02 -16.55 12.11
C LEU A 231 18.50 -15.25 12.73
N HIS A 232 17.69 -14.68 13.60
CA HIS A 232 18.07 -13.46 14.31
C HIS A 232 19.47 -13.46 14.93
N ALA A 233 19.85 -14.56 15.61
CA ALA A 233 21.21 -14.63 16.19
C ALA A 233 22.27 -14.74 15.11
N GLU A 234 21.89 -15.29 13.94
CA GLU A 234 22.79 -15.38 12.81
C GLU A 234 23.01 -14.02 12.15
N LEU A 235 21.92 -13.29 11.93
CA LEU A 235 22.01 -11.99 11.23
C LEU A 235 22.41 -10.88 12.21
N LYS A 236 22.18 -11.14 13.50
CA LYS A 236 22.27 -10.12 14.54
C LYS A 236 21.24 -9.01 14.29
N LEU A 237 20.05 -9.44 13.88
CA LEU A 237 18.99 -8.53 13.58
C LEU A 237 17.68 -9.27 13.73
N PHE A 238 16.61 -8.55 14.08
CA PHE A 238 15.24 -9.06 13.97
C PHE A 238 15.00 -9.36 12.49
N PRO A 239 14.75 -10.64 12.17
CA PRO A 239 14.49 -11.03 10.78
C PRO A 239 13.35 -10.26 10.13
N ASN A 240 13.44 -9.97 8.83
CA ASN A 240 12.31 -9.49 8.07
C ASN A 240 11.83 -10.57 7.10
N TYR A 241 10.78 -10.29 6.33
CA TYR A 241 10.29 -11.29 5.38
C TYR A 241 11.36 -11.71 4.39
N GLU A 242 12.09 -10.75 3.85
CA GLU A 242 13.13 -11.04 2.87
C GLU A 242 14.16 -11.99 3.45
N ASN A 243 14.51 -11.82 4.72
CA ASN A 243 15.49 -12.74 5.30
C ASN A 243 15.10 -14.20 5.07
N MET A 244 13.79 -14.48 5.02
CA MET A 244 13.27 -15.87 4.91
C MET A 244 12.98 -16.25 3.46
N VAL A 245 12.75 -15.22 2.63
CA VAL A 245 12.25 -15.44 1.27
C VAL A 245 13.18 -14.65 0.35
N SER A 246 14.31 -15.27 0.03
CA SER A 246 15.40 -14.71 -0.78
C SER A 246 16.40 -15.84 -0.92
N GLY A 247 17.42 -15.61 -1.75
CA GLY A 247 18.51 -16.57 -1.90
C GLY A 247 19.11 -16.99 -0.58
N ALA A 248 19.56 -16.03 0.21
CA ALA A 248 20.11 -16.31 1.55
C ALA A 248 19.09 -17.00 2.44
N GLY A 249 17.82 -16.63 2.28
CA GLY A 249 16.72 -17.34 2.94
C GLY A 249 16.69 -18.83 2.63
N LEU A 250 16.62 -19.17 1.35
CA LEU A 250 16.58 -20.57 0.95
C LEU A 250 17.79 -21.34 1.49
N GLU A 251 18.97 -20.70 1.40
CA GLU A 251 20.20 -21.28 1.92
C GLU A 251 20.13 -21.56 3.42
N PHE A 252 19.57 -20.61 4.17
CA PHE A 252 19.32 -20.79 5.59
C PHE A 252 18.39 -21.97 5.84
N HIS A 253 17.26 -22.03 5.11
CA HIS A 253 16.28 -23.11 5.35
C HIS A 253 16.96 -24.47 5.14
N TYR A 254 17.71 -24.56 4.03
CA TYR A 254 18.48 -25.75 3.74
C TYR A 254 19.47 -26.14 4.86
N ARG A 255 20.25 -25.19 5.37
CA ARG A 255 21.16 -25.43 6.49
C ARG A 255 20.45 -25.97 7.71
N GLN A 256 19.27 -25.44 8.01
CA GLN A 256 18.45 -25.86 9.15
C GLN A 256 17.89 -27.28 8.99
N VAL A 257 17.66 -27.68 7.75
CA VAL A 257 17.17 -29.01 7.46
C VAL A 257 18.26 -30.05 7.69
N VAL A 258 19.42 -29.84 7.08
CA VAL A 258 20.48 -30.85 7.07
C VAL A 258 21.29 -30.86 8.37
N ARG A 259 21.40 -29.70 9.00
CA ARG A 259 22.08 -29.59 10.29
C ARG A 259 23.49 -30.16 10.25
N GLY A 260 24.32 -29.68 9.33
CA GLY A 260 25.72 -30.10 9.28
C GLY A 260 25.95 -31.53 8.80
N SER A 261 24.88 -32.22 8.42
CA SER A 261 24.99 -33.57 7.86
C SER A 261 25.34 -33.57 6.36
N ARG A 262 25.17 -32.43 5.70
CA ARG A 262 25.55 -32.27 4.30
C ARG A 262 26.15 -30.89 4.12
N PRO A 263 26.97 -30.71 3.09
CA PRO A 263 27.60 -29.40 2.91
C PRO A 263 26.54 -28.36 2.58
N PRO A 264 26.82 -27.08 2.86
CA PRO A 264 25.92 -25.99 2.52
C PRO A 264 25.88 -25.81 1.00
N CYS A 265 24.70 -25.49 0.47
CA CYS A 265 24.49 -25.33 -0.96
C CYS A 265 23.98 -23.94 -1.21
N SER A 266 24.17 -23.45 -2.43
CA SER A 266 23.61 -22.17 -2.80
C SER A 266 22.14 -22.30 -3.14
N ALA A 267 21.44 -21.17 -3.21
CA ALA A 267 20.03 -21.16 -3.55
C ALA A 267 19.77 -21.96 -4.81
N GLY A 268 20.63 -21.76 -5.82
CA GLY A 268 20.49 -22.48 -7.10
C GLY A 268 20.60 -23.99 -6.98
N GLU A 269 21.60 -24.43 -6.24
CA GLU A 269 21.81 -25.83 -6.11
CA GLU A 269 21.88 -25.84 -6.04
C GLU A 269 20.71 -26.47 -5.32
N ILE A 270 20.20 -25.78 -4.30
CA ILE A 270 19.09 -26.30 -3.51
C ILE A 270 17.86 -26.52 -4.37
N ALA A 271 17.54 -25.54 -5.22
CA ALA A 271 16.40 -25.63 -6.10
C ALA A 271 16.60 -26.72 -7.14
N LYS A 272 17.83 -26.79 -7.69
CA LYS A 272 18.19 -27.87 -8.63
C LYS A 272 18.03 -29.22 -7.95
N LEU A 273 18.56 -29.36 -6.74
CA LEU A 273 18.33 -30.60 -6.00
C LEU A 273 16.84 -30.87 -5.83
N ALA A 274 16.06 -29.84 -5.56
CA ALA A 274 14.64 -30.08 -5.33
C ALA A 274 13.94 -30.53 -6.62
N SER A 275 14.36 -29.96 -7.75
CA SER A 275 13.76 -30.32 -9.05
C SER A 275 14.03 -31.80 -9.34
N GLU A 276 15.06 -32.35 -8.69
CA GLU A 276 15.48 -33.73 -8.87
C GLU A 276 14.89 -34.62 -7.78
N GLY A 277 14.05 -34.04 -6.93
CA GLY A 277 13.36 -34.80 -5.90
C GLY A 277 14.15 -35.11 -4.63
N ASP A 278 15.28 -34.44 -4.41
CA ASP A 278 16.00 -34.56 -3.13
C ASP A 278 15.13 -34.18 -1.91
N ALA A 279 14.97 -35.09 -0.96
CA ALA A 279 14.12 -34.84 0.22
C ALA A 279 14.49 -33.56 0.99
N ASN A 280 15.77 -33.42 1.33
CA ASN A 280 16.26 -32.26 2.08
C ASN A 280 15.97 -30.95 1.37
N ALA A 281 16.37 -30.85 0.10
CA ALA A 281 16.14 -29.63 -0.66
C ALA A 281 14.66 -29.33 -0.79
N CYS A 282 13.85 -30.37 -0.94
CA CYS A 282 12.41 -30.22 -1.00
C CYS A 282 11.85 -29.65 0.30
N LYS A 283 12.38 -30.11 1.44
CA LYS A 283 11.98 -29.57 2.74
C LYS A 283 12.34 -28.09 2.80
N ALA A 284 13.55 -27.75 2.34
CA ALA A 284 14.00 -26.36 2.35
C ALA A 284 13.12 -25.50 1.44
N MET A 285 12.76 -26.02 0.29
CA MET A 285 11.86 -25.26 -0.59
C MET A 285 10.46 -25.04 0.01
N LYS A 286 9.98 -26.02 0.78
CA LYS A 286 8.67 -25.88 1.39
C LYS A 286 8.64 -24.74 2.40
N LYS A 287 9.68 -24.67 3.22
CA LYS A 287 9.87 -23.59 4.19
C LYS A 287 10.01 -22.24 3.47
N TYR A 288 10.84 -22.17 2.44
CA TYR A 288 10.93 -20.92 1.67
C TYR A 288 9.53 -20.50 1.30
N HIS A 289 8.77 -21.43 0.75
CA HIS A 289 7.44 -21.13 0.31
C HIS A 289 6.39 -20.93 1.41
N GLU A 290 6.62 -21.51 2.59
CA GLU A 290 5.77 -21.26 3.74
C GLU A 290 5.83 -19.78 4.10
N TYR A 291 7.02 -19.19 4.07
CA TYR A 291 7.17 -17.81 4.50
C TYR A 291 6.71 -16.85 3.37
N LEU A 292 6.80 -17.31 2.14
CA LEU A 292 6.28 -16.52 1.00
C LEU A 292 4.75 -16.45 1.09
N MET A 293 4.11 -17.55 1.50
CA MET A 293 2.67 -17.53 1.78
C MET A 293 2.32 -16.72 3.03
N ARG A 294 3.29 -16.44 3.88
CA ARG A 294 3.03 -15.55 5.00
C ARG A 294 3.06 -14.09 4.59
N VAL A 295 4.02 -13.74 3.73
CA VAL A 295 4.00 -12.46 3.09
C VAL A 295 2.63 -12.26 2.45
N GLY A 296 2.17 -13.24 1.69
CA GLY A 296 0.92 -13.08 0.95
C GLY A 296 -0.30 -13.04 1.86
N SER A 297 -0.32 -13.82 2.94
CA SER A 297 -1.48 -13.75 3.82
C SER A 297 -1.65 -12.38 4.50
N GLU A 298 -0.54 -11.77 4.91
CA GLU A 298 -0.61 -10.49 5.60
C GLU A 298 -0.93 -9.37 4.61
N ALA A 299 -0.30 -9.39 3.44
CA ALA A 299 -0.55 -8.40 2.41
C ALA A 299 -1.96 -8.56 1.88
N SER A 300 -2.50 -9.78 1.99
CA SER A 300 -3.88 -10.03 1.57
C SER A 300 -4.83 -9.21 2.43
N MET A 301 -4.53 -9.19 3.72
CA MET A 301 -5.27 -8.35 4.64
C MET A 301 -4.96 -6.88 4.43
N ALA A 302 -3.68 -6.52 4.52
CA ALA A 302 -3.30 -5.12 4.54
C ALA A 302 -3.70 -4.38 3.25
N LEU A 303 -3.60 -5.04 2.10
CA LEU A 303 -3.72 -4.34 0.80
C LEU A 303 -4.96 -4.70 0.00
N LEU A 304 -5.75 -5.62 0.54
CA LEU A 304 -6.96 -6.14 -0.08
C LEU A 304 -6.84 -6.26 -1.60
N PRO A 305 -5.93 -7.12 -2.07
CA PRO A 305 -5.78 -7.29 -3.51
C PRO A 305 -6.84 -8.27 -4.08
N LEU A 306 -7.14 -8.12 -5.36
CA LEU A 306 -7.97 -9.10 -6.07
C LEU A 306 -7.13 -10.36 -6.40
N THR A 307 -5.88 -10.12 -6.80
CA THR A 307 -4.95 -11.14 -7.26
C THR A 307 -3.57 -10.84 -6.67
N ILE A 308 -2.82 -11.89 -6.33
CA ILE A 308 -1.39 -11.80 -6.07
C ILE A 308 -0.72 -12.54 -7.23
N VAL A 309 0.26 -11.91 -7.88
CA VAL A 309 0.97 -12.52 -9.00
C VAL A 309 2.45 -12.65 -8.68
N LEU A 310 2.92 -13.89 -8.52
CA LEU A 310 4.34 -14.19 -8.31
C LEU A 310 5.09 -14.12 -9.64
N VAL A 311 6.15 -13.33 -9.71
CA VAL A 311 6.88 -13.18 -10.95
C VAL A 311 8.40 -13.36 -10.85
N GLY A 312 9.03 -13.63 -11.99
CA GLY A 312 10.49 -13.71 -12.08
C GLY A 312 10.98 -15.05 -12.62
N ASP A 313 12.24 -15.09 -13.03
CA ASP A 313 12.82 -16.29 -13.58
C ASP A 313 12.72 -17.42 -12.58
N ASN A 314 13.01 -17.11 -11.31
CA ASN A 314 12.95 -18.12 -10.25
C ASN A 314 11.58 -18.79 -10.12
N ILE A 315 10.53 -18.03 -10.45
CA ILE A 315 9.17 -18.55 -10.32
C ILE A 315 8.92 -19.50 -11.48
N VAL A 316 9.13 -19.00 -12.69
CA VAL A 316 9.07 -19.83 -13.88
C VAL A 316 9.89 -21.12 -13.69
N ASN A 317 11.17 -20.96 -13.39
CA ASN A 317 12.07 -22.09 -13.20
C ASN A 317 11.66 -23.03 -12.08
N ASN A 318 11.02 -22.50 -11.05
CA ASN A 318 10.47 -23.35 -9.98
C ASN A 318 9.11 -23.96 -10.27
N ALA A 319 8.62 -23.81 -11.51
CA ALA A 319 7.34 -24.40 -11.89
C ALA A 319 7.11 -25.79 -11.30
N PHE A 320 8.15 -26.62 -11.29
CA PHE A 320 8.04 -27.99 -10.72
C PHE A 320 7.49 -28.00 -9.30
N PHE A 321 7.86 -27.00 -8.53
CA PHE A 321 7.49 -26.97 -7.12
C PHE A 321 5.98 -26.71 -7.00
N TYR A 322 5.50 -25.82 -7.86
CA TYR A 322 4.12 -25.37 -7.84
C TYR A 322 3.14 -26.33 -8.50
N ARG A 323 3.66 -27.13 -9.43
CA ARG A 323 2.83 -28.08 -10.18
C ARG A 323 2.60 -29.36 -9.34
N ASN A 324 3.43 -29.61 -8.34
CA ASN A 324 3.18 -30.75 -7.45
C ASN A 324 1.90 -30.45 -6.65
N PRO A 325 0.85 -31.27 -6.83
CA PRO A 325 -0.41 -30.88 -6.23
C PRO A 325 -0.36 -30.86 -4.71
N GLN A 326 0.55 -31.64 -4.12
CA GLN A 326 0.76 -31.63 -2.68
C GLN A 326 1.41 -30.32 -2.20
N ASN A 327 2.49 -29.92 -2.84
CA ASN A 327 3.08 -28.61 -2.54
C ASN A 327 2.06 -27.49 -2.62
N LEU A 328 1.24 -27.56 -3.66
CA LEU A 328 0.30 -26.50 -3.97
C LEU A 328 -0.86 -26.43 -2.96
N LYS A 329 -1.33 -27.58 -2.53
CA LYS A 329 -2.33 -27.66 -1.45
C LYS A 329 -1.79 -27.04 -0.16
N GLU A 330 -0.57 -27.39 0.21
N GLU A 330 -0.58 -27.42 0.20
CA GLU A 330 -0.01 -26.87 1.45
CA GLU A 330 0.06 -26.90 1.39
C GLU A 330 0.29 -25.35 1.40
C GLU A 330 0.16 -25.37 1.34
N MET A 331 0.67 -24.84 0.22
CA MET A 331 0.85 -23.40 0.08
C MET A 331 -0.48 -22.68 0.28
N HIS A 332 -1.53 -23.20 -0.37
CA HIS A 332 -2.90 -22.71 -0.24
C HIS A 332 -3.30 -22.69 1.21
N HIS A 333 -3.09 -23.80 1.92
CA HIS A 333 -3.43 -23.85 3.33
C HIS A 333 -2.70 -22.73 4.07
N GLU A 334 -1.42 -22.54 3.74
CA GLU A 334 -0.58 -21.51 4.37
C GLU A 334 -1.07 -20.10 4.01
N ALA A 335 -1.47 -19.92 2.76
CA ALA A 335 -1.98 -18.63 2.35
C ALA A 335 -3.22 -18.17 3.14
N LEU A 336 -3.97 -19.13 3.71
CA LEU A 336 -5.22 -18.82 4.47
C LEU A 336 -5.00 -18.95 5.98
N ASN A 337 -3.77 -19.10 6.40
CA ASN A 337 -3.48 -19.24 7.82
C ASN A 337 -3.26 -17.84 8.41
N HIS A 338 -4.38 -17.14 8.61
CA HIS A 338 -4.38 -15.79 9.20
C HIS A 338 -5.63 -15.70 10.09
N GLU A 339 -5.60 -14.90 11.14
CA GLU A 339 -6.78 -14.80 12.00
C GLU A 339 -7.92 -14.09 11.25
N MET A 340 -7.58 -13.24 10.27
CA MET A 340 -8.63 -12.59 9.48
C MET A 340 -9.33 -13.57 8.54
N GLU A 341 -8.77 -14.74 8.27
CA GLU A 341 -9.47 -15.69 7.40
C GLU A 341 -10.85 -16.12 7.92
N ARG A 342 -11.05 -16.08 9.24
CA ARG A 342 -12.39 -16.31 9.79
C ARG A 342 -13.47 -15.41 9.15
N PHE A 343 -13.06 -14.26 8.62
CA PHE A 343 -13.96 -13.39 7.82
C PHE A 343 -13.74 -13.60 6.35
N GLY A 344 -12.92 -14.59 6.03
CA GLY A 344 -12.62 -14.95 4.65
C GLY A 344 -11.82 -13.93 3.82
N PHE A 345 -11.05 -13.04 4.46
CA PHE A 345 -10.21 -12.10 3.67
C PHE A 345 -9.14 -12.80 2.85
N GLN A 346 -8.43 -13.76 3.44
CA GLN A 346 -7.39 -14.48 2.67
C GLN A 346 -7.93 -15.30 1.53
N SER A 347 -9.16 -15.77 1.66
CA SER A 347 -9.72 -16.54 0.58
C SER A 347 -10.36 -15.73 -0.53
N ARG A 348 -10.39 -14.40 -0.40
CA ARG A 348 -10.88 -13.51 -1.49
C ARG A 348 -9.90 -13.51 -2.66
N VAL A 349 -8.65 -13.80 -2.36
CA VAL A 349 -7.52 -13.49 -3.22
C VAL A 349 -7.15 -14.66 -4.16
N SER A 350 -7.01 -14.35 -5.45
CA SER A 350 -6.53 -15.31 -6.44
C SER A 350 -5.01 -15.20 -6.54
N TYR A 351 -4.32 -16.33 -6.55
CA TYR A 351 -2.85 -16.37 -6.69
C TYR A 351 -2.50 -16.86 -8.08
N LEU A 352 -1.53 -16.22 -8.70
CA LEU A 352 -1.09 -16.59 -10.02
C LEU A 352 0.42 -16.52 -10.03
N ARG A 353 1.05 -17.27 -10.92
CA ARG A 353 2.50 -17.34 -10.95
C ARG A 353 2.96 -17.25 -12.39
N GLN A 354 4.05 -16.54 -12.62
CA GLN A 354 4.60 -16.48 -13.98
C GLN A 354 4.98 -17.87 -14.46
N LYS A 355 4.60 -18.21 -15.69
CA LYS A 355 4.84 -19.58 -16.16
C LYS A 355 5.68 -19.70 -17.42
N LYS A 356 5.93 -18.57 -18.06
CA LYS A 356 6.79 -18.50 -19.22
C LYS A 356 7.76 -17.33 -18.97
N LEU A 357 9.00 -17.48 -19.40
CA LEU A 357 10.02 -16.44 -19.27
C LEU A 357 9.65 -15.17 -20.01
N LEU A 358 9.87 -14.03 -19.38
CA LEU A 358 9.68 -12.74 -20.03
C LEU A 358 10.27 -11.70 -19.10
N ASN A 359 11.13 -10.82 -19.62
CA ASN A 359 11.65 -9.77 -18.78
C ASN A 359 10.59 -8.69 -18.65
N LEU A 360 9.83 -8.82 -17.56
CA LEU A 360 8.76 -7.90 -17.23
C LEU A 360 9.31 -6.50 -16.99
N ASN A 361 10.46 -6.45 -16.33
CA ASN A 361 11.08 -5.17 -15.98
C ASN A 361 11.38 -4.31 -17.21
N LEU A 362 11.99 -4.89 -18.24
CA LEU A 362 12.24 -4.12 -19.48
C LEU A 362 10.98 -3.76 -20.23
N MET A 363 10.04 -4.68 -20.30
CA MET A 363 8.72 -4.36 -20.83
C MET A 363 8.13 -3.16 -20.09
N GLY A 364 8.42 -3.08 -18.79
CA GLY A 364 7.91 -2.05 -17.91
C GLY A 364 8.56 -0.69 -18.14
N CYS A 365 9.89 -0.67 -18.30
CA CYS A 365 10.63 0.54 -18.65
C CYS A 365 10.16 1.10 -19.99
N TYR A 366 10.06 0.22 -20.98
CA TYR A 366 9.58 0.62 -22.29
C TYR A 366 8.19 1.28 -22.20
N ARG A 367 7.24 0.59 -21.57
CA ARG A 367 5.91 1.15 -21.35
C ARG A 367 5.93 2.47 -20.64
N CYS A 368 6.64 2.54 -19.52
CA CYS A 368 6.75 3.81 -18.84
C CYS A 368 7.35 4.89 -19.76
N GLY A 369 8.28 4.47 -20.63
CA GLY A 369 8.92 5.36 -21.60
C GLY A 369 7.97 5.90 -22.65
N LEU A 370 6.90 5.17 -22.92
CA LEU A 370 5.83 5.62 -23.82
C LEU A 370 5.06 6.75 -23.15
N ASP A 371 4.59 6.49 -21.94
CA ASP A 371 3.87 7.49 -21.16
C ASP A 371 4.68 8.78 -21.07
N LEU A 372 6.00 8.65 -21.10
CA LEU A 372 6.89 9.78 -20.87
C LEU A 372 7.27 10.51 -22.16
N SER A 373 6.36 10.53 -23.14
CA SER A 373 6.59 11.20 -24.42
C SER A 373 5.48 10.91 -25.43
N ALA B 1 -10.24 33.72 3.97
CA ALA B 1 -10.41 34.11 2.55
C ALA B 1 -9.71 33.22 1.51
N PRO B 2 -8.93 32.21 1.95
CA PRO B 2 -8.44 31.25 0.94
C PRO B 2 -9.60 30.41 0.34
N ALA B 3 -9.53 30.13 -0.96
CA ALA B 3 -10.59 29.39 -1.65
C ALA B 3 -10.81 27.99 -1.03
N GLY B 4 -12.08 27.67 -0.78
CA GLY B 4 -12.48 26.40 -0.19
C GLY B 4 -12.28 26.32 1.32
N SER B 5 -11.74 27.39 1.91
CA SER B 5 -11.29 27.38 3.29
C SER B 5 -12.39 27.44 4.34
N HIS B 6 -13.57 27.90 3.94
CA HIS B 6 -14.69 27.84 4.85
C HIS B 6 -15.32 26.45 4.76
N MET B 7 -15.33 25.76 5.90
CA MET B 7 -15.92 24.44 5.99
C MET B 7 -16.78 24.38 7.22
N ASN B 8 -18.07 24.62 7.03
CA ASN B 8 -19.00 24.56 8.13
C ASN B 8 -19.76 23.26 8.12
N ILE B 9 -19.79 22.58 9.26
CA ILE B 9 -20.55 21.36 9.40
C ILE B 9 -21.52 21.48 10.57
N LYS B 10 -22.79 21.63 10.24
CA LYS B 10 -23.83 21.89 11.23
C LYS B 10 -24.59 20.60 11.48
N GLU B 11 -24.64 20.17 12.73
CA GLU B 11 -25.43 19.01 13.11
C GLU B 11 -26.75 19.50 13.72
N LEU B 12 -27.87 19.04 13.16
CA LEU B 12 -29.19 19.51 13.55
C LEU B 12 -30.11 18.32 13.73
N SER B 13 -31.19 18.48 14.47
CA SER B 13 -32.31 17.55 14.35
C SER B 13 -32.76 17.48 12.90
N LEU B 14 -33.49 16.42 12.57
CA LEU B 14 -33.96 16.19 11.23
C LEU B 14 -34.94 17.29 10.79
N HIS B 15 -35.86 17.70 11.67
CA HIS B 15 -36.78 18.78 11.31
C HIS B 15 -36.07 20.09 11.00
N GLU B 16 -35.07 20.43 11.80
CA GLU B 16 -34.28 21.64 11.56
C GLU B 16 -33.53 21.50 10.25
N LEU B 17 -32.98 20.30 10.03
CA LEU B 17 -32.33 19.95 8.75
C LEU B 17 -33.27 20.20 7.58
N CYS B 18 -34.48 19.67 7.66
CA CYS B 18 -35.51 19.93 6.64
C CYS B 18 -35.82 21.41 6.41
N GLU B 19 -35.98 22.16 7.49
CA GLU B 19 -36.23 23.60 7.42
C GLU B 19 -35.08 24.34 6.75
N GLU B 20 -33.86 23.95 7.12
CA GLU B 20 -32.65 24.57 6.62
C GLU B 20 -32.58 24.43 5.11
N LEU B 21 -32.89 23.24 4.63
CA LEU B 21 -32.80 22.93 3.21
C LEU B 21 -33.80 23.69 2.35
N LYS B 22 -34.80 24.27 3.01
CA LYS B 22 -35.84 25.07 2.37
C LYS B 22 -35.42 26.53 2.17
N THR B 23 -34.35 26.92 2.84
CA THR B 23 -33.92 28.32 2.81
C THR B 23 -33.27 28.61 1.47
N PRO B 24 -33.37 29.86 0.98
CA PRO B 24 -32.82 30.25 -0.32
C PRO B 24 -31.36 29.82 -0.52
N ALA B 25 -30.55 29.90 0.54
CA ALA B 25 -29.15 29.53 0.43
C ALA B 25 -28.93 28.08 -0.01
N TRP B 26 -29.89 27.21 0.31
CA TRP B 26 -29.78 25.78 0.02
C TRP B 26 -30.45 25.31 -1.28
N ASN B 27 -30.99 26.28 -2.03
CA ASN B 27 -31.44 26.01 -3.40
C ASN B 27 -30.19 25.94 -4.26
N ALA B 28 -29.68 24.73 -4.44
CA ALA B 28 -28.36 24.52 -5.02
C ALA B 28 -28.12 23.03 -5.20
N PRO B 29 -27.22 22.65 -6.12
CA PRO B 29 -26.96 21.22 -6.27
C PRO B 29 -26.47 20.65 -4.92
N LEU B 30 -26.96 19.49 -4.53
CA LEU B 30 -26.63 18.91 -3.22
C LEU B 30 -25.99 17.55 -3.37
N THR B 31 -25.05 17.23 -2.49
CA THR B 31 -24.55 15.86 -2.36
C THR B 31 -25.11 15.31 -1.04
N PHE B 32 -25.75 14.16 -1.08
CA PHE B 32 -26.11 13.49 0.16
C PHE B 32 -24.84 12.83 0.68
N VAL B 33 -24.55 13.04 1.95
CA VAL B 33 -23.34 12.45 2.54
C VAL B 33 -23.73 11.71 3.80
N GLY B 34 -22.92 10.73 4.20
CA GLY B 34 -23.16 10.01 5.45
C GLY B 34 -21.88 9.47 6.06
N ASP B 35 -21.58 9.88 7.28
CA ASP B 35 -20.40 9.41 7.98
C ASP B 35 -20.94 8.39 8.97
N VAL B 36 -20.89 7.11 8.60
CA VAL B 36 -21.57 6.07 9.37
C VAL B 36 -20.59 5.34 10.29
N GLY B 37 -20.70 5.53 11.59
CA GLY B 37 -19.77 4.93 12.54
C GLY B 37 -20.40 3.68 13.11
N GLY B 38 -19.74 3.04 14.08
CA GLY B 38 -20.27 1.82 14.68
C GLY B 38 -21.28 2.08 15.81
N THR B 39 -21.20 3.25 16.41
CA THR B 39 -22.19 3.66 17.40
C THR B 39 -23.16 4.72 16.86
N SER B 40 -22.71 5.60 15.96
CA SER B 40 -23.64 6.55 15.33
C SER B 40 -23.27 6.94 13.90
N ALA B 41 -24.21 7.60 13.23
CA ALA B 41 -24.04 8.06 11.85
C ALA B 41 -24.52 9.50 11.73
N ARG B 42 -23.74 10.34 11.05
CA ARG B 42 -24.19 11.68 10.73
C ARG B 42 -24.48 11.66 9.25
N MET B 43 -25.73 11.90 8.89
CA MET B 43 -26.13 11.88 7.50
C MET B 43 -26.80 13.20 7.15
N GLY B 44 -26.59 13.68 5.94
CA GLY B 44 -27.18 14.94 5.53
C GLY B 44 -26.77 15.36 4.14
N PHE B 45 -26.62 16.67 3.94
CA PHE B 45 -26.39 17.23 2.61
C PHE B 45 -25.31 18.29 2.62
N VAL B 46 -24.56 18.36 1.53
CA VAL B 46 -23.50 19.37 1.36
C VAL B 46 -23.71 20.19 0.10
N ARG B 47 -23.39 21.48 0.19
CA ARG B 47 -23.43 22.36 -0.96
C ARG B 47 -22.17 23.22 -0.99
N GLU B 48 -21.95 23.87 -2.11
CA GLU B 48 -20.81 24.76 -2.29
C GLU B 48 -21.31 26.20 -2.28
N GLY B 49 -20.70 27.04 -1.46
CA GLY B 49 -21.07 28.45 -1.39
C GLY B 49 -20.06 29.35 -2.08
N LYS B 50 -20.17 30.65 -1.81
CA LYS B 50 -19.25 31.66 -2.36
C LYS B 50 -17.83 31.40 -1.87
N ASN B 51 -16.86 31.57 -2.76
CA ASN B 51 -15.45 31.36 -2.44
C ASN B 51 -15.12 29.88 -2.20
N ASP B 52 -15.85 29.01 -2.89
CA ASP B 52 -15.63 27.57 -2.77
C ASP B 52 -15.84 27.09 -1.34
N SER B 53 -16.60 27.86 -0.54
CA SER B 53 -16.90 27.48 0.82
C SER B 53 -17.72 26.18 0.83
N VAL B 54 -17.56 25.39 1.89
CA VAL B 54 -18.29 24.14 2.02
C VAL B 54 -19.28 24.21 3.17
N HIS B 55 -20.55 23.99 2.86
CA HIS B 55 -21.62 24.06 3.85
C HIS B 55 -22.36 22.74 3.94
N ALA B 56 -22.10 22.01 5.03
CA ALA B 56 -22.79 20.75 5.30
C ALA B 56 -23.81 20.88 6.43
N CYS B 57 -24.88 20.11 6.29
CA CYS B 57 -25.95 20.08 7.25
C CYS B 57 -26.33 18.63 7.45
N VAL B 58 -26.07 18.12 8.64
CA VAL B 58 -26.28 16.70 8.92
C VAL B 58 -27.10 16.48 10.18
N THR B 59 -27.68 15.31 10.29
CA THR B 59 -28.38 14.89 11.50
C THR B 59 -27.79 13.58 12.02
N ARG B 60 -27.85 13.39 13.33
CA ARG B 60 -27.27 12.22 13.97
C ARG B 60 -28.33 11.14 14.19
N TYR B 61 -27.97 9.92 13.86
CA TYR B 61 -28.78 8.76 14.14
C TYR B 61 -27.93 7.84 15.00
N SER B 62 -28.54 7.20 15.97
CA SER B 62 -27.84 6.21 16.75
C SER B 62 -27.91 4.87 16.02
N MET B 63 -26.77 4.20 15.92
CA MET B 63 -26.68 2.85 15.35
C MET B 63 -27.15 1.81 16.37
N LYS B 64 -28.47 1.78 16.61
CA LYS B 64 -29.04 1.10 17.77
C LYS B 64 -29.08 -0.42 17.69
N ARG B 65 -29.33 -0.97 16.49
CA ARG B 65 -29.31 -2.42 16.29
C ARG B 65 -27.92 -2.97 16.03
N LYS B 66 -26.92 -2.09 15.94
CA LYS B 66 -25.57 -2.49 15.58
C LYS B 66 -25.60 -3.29 14.27
N ASP B 67 -26.30 -2.71 13.30
CA ASP B 67 -26.54 -3.35 12.04
C ASP B 67 -26.52 -2.32 10.92
N ILE B 68 -25.58 -2.50 10.00
CA ILE B 68 -25.32 -1.57 8.92
C ILE B 68 -26.50 -1.44 7.95
N THR B 69 -27.42 -2.40 7.98
CA THR B 69 -28.59 -2.34 7.12
C THR B 69 -29.63 -1.38 7.68
N GLU B 70 -29.50 -1.06 8.97
CA GLU B 70 -30.40 -0.14 9.63
C GLU B 70 -30.36 1.28 9.07
N ILE B 71 -29.27 1.63 8.39
CA ILE B 71 -29.13 2.98 7.86
C ILE B 71 -30.09 3.22 6.71
N ILE B 72 -30.48 2.15 6.03
CA ILE B 72 -31.45 2.22 4.93
C ILE B 72 -32.78 2.79 5.40
N GLU B 73 -33.18 2.40 6.62
CA GLU B 73 -34.34 3.00 7.27
C GLU B 73 -34.17 4.50 7.51
N PHE B 74 -32.97 4.90 7.93
CA PHE B 74 -32.66 6.32 8.10
C PHE B 74 -32.78 7.04 6.75
N PHE B 75 -32.29 6.40 5.70
CA PHE B 75 -32.33 6.99 4.36
C PHE B 75 -33.79 7.26 3.97
N ASN B 76 -34.63 6.28 4.25
CA ASN B 76 -36.04 6.34 3.89
C ASN B 76 -36.79 7.39 4.70
N GLU B 77 -36.59 7.39 6.01
CA GLU B 77 -37.09 8.48 6.84
C GLU B 77 -36.72 9.86 6.27
N ILE B 78 -35.50 9.97 5.76
CA ILE B 78 -34.99 11.25 5.33
C ILE B 78 -35.72 11.66 4.05
N ILE B 79 -35.93 10.70 3.15
CA ILE B 79 -36.71 10.94 1.94
C ILE B 79 -38.16 11.29 2.27
N GLU B 80 -38.78 10.52 3.15
CA GLU B 80 -40.17 10.77 3.58
C GLU B 80 -40.40 12.21 4.04
N LEU B 81 -39.48 12.74 4.85
CA LEU B 81 -39.67 14.00 5.55
C LEU B 81 -39.17 15.20 4.74
N MET B 82 -38.27 14.94 3.80
CA MET B 82 -37.72 16.01 2.97
C MET B 82 -38.69 16.53 1.93
N PRO B 83 -38.67 17.84 1.68
CA PRO B 83 -39.45 18.45 0.59
C PRO B 83 -38.96 17.90 -0.76
N ALA B 84 -39.90 17.68 -1.70
CA ALA B 84 -39.55 17.11 -3.00
C ALA B 84 -38.67 18.02 -3.87
N SER B 85 -38.76 19.32 -3.61
CA SER B 85 -37.91 20.32 -4.24
C SER B 85 -36.45 20.10 -3.84
N VAL B 86 -36.25 19.65 -2.61
CA VAL B 86 -34.92 19.35 -2.07
C VAL B 86 -34.37 18.07 -2.70
N MET B 87 -35.22 17.06 -2.84
CA MET B 87 -34.79 15.78 -3.38
C MET B 87 -34.33 15.84 -4.83
N LYS B 88 -34.82 16.83 -5.57
CA LYS B 88 -34.46 16.94 -6.97
C LYS B 88 -33.10 17.64 -7.16
N ARG B 89 -32.58 18.24 -6.10
CA ARG B 89 -31.27 18.89 -6.19
C ARG B 89 -30.13 17.90 -5.90
N VAL B 90 -30.49 16.68 -5.51
CA VAL B 90 -29.49 15.67 -5.17
C VAL B 90 -28.76 15.14 -6.42
N LYS B 91 -27.51 15.54 -6.56
CA LYS B 91 -26.68 15.18 -7.72
C LYS B 91 -25.84 13.93 -7.45
N ALA B 92 -25.48 13.71 -6.20
CA ALA B 92 -24.60 12.59 -5.85
C ALA B 92 -24.93 12.11 -4.44
N GLY B 93 -24.54 10.88 -4.13
CA GLY B 93 -24.73 10.34 -2.80
C GLY B 93 -23.52 9.53 -2.44
N VAL B 94 -22.84 9.91 -1.34
CA VAL B 94 -21.64 9.22 -0.86
C VAL B 94 -21.69 9.02 0.65
N ILE B 95 -21.49 7.78 1.09
CA ILE B 95 -21.34 7.51 2.53
C ILE B 95 -20.02 6.82 2.80
N ASN B 96 -19.58 6.81 4.05
CA ASN B 96 -18.44 5.99 4.42
C ASN B 96 -18.78 5.06 5.55
N VAL B 97 -18.12 3.90 5.59
CA VAL B 97 -18.42 2.87 6.55
C VAL B 97 -17.11 2.37 7.15
N PRO B 98 -17.16 1.86 8.39
CA PRO B 98 -16.00 1.41 9.14
C PRO B 98 -15.50 0.04 8.72
N GLY B 99 -15.23 -0.13 7.43
CA GLY B 99 -14.85 -1.44 6.93
C GLY B 99 -14.40 -1.44 5.49
N PRO B 100 -13.76 -2.53 5.06
CA PRO B 100 -13.23 -2.52 3.69
C PRO B 100 -14.37 -2.46 2.70
N VAL B 101 -14.16 -1.74 1.59
CA VAL B 101 -15.19 -1.57 0.59
C VAL B 101 -14.66 -1.95 -0.79
N THR B 102 -15.33 -2.90 -1.45
CA THR B 102 -14.88 -3.29 -2.79
C THR B 102 -15.76 -2.66 -3.87
N GLY B 103 -15.15 -2.28 -4.96
CA GLY B 103 -15.88 -1.72 -6.10
C GLY B 103 -16.69 -0.51 -5.75
N GLY B 104 -16.42 0.06 -4.57
CA GLY B 104 -17.13 1.25 -4.07
C GLY B 104 -18.63 1.05 -3.94
N ALA B 105 -19.04 -0.17 -3.63
CA ALA B 105 -20.45 -0.53 -3.68
C ALA B 105 -20.83 -1.63 -2.71
N VAL B 106 -19.83 -2.30 -2.14
CA VAL B 106 -20.11 -3.35 -1.17
C VAL B 106 -19.11 -3.22 -0.01
N GLY B 107 -19.63 -3.13 1.20
CA GLY B 107 -18.79 -2.78 2.32
C GLY B 107 -18.93 -3.74 3.46
N GLY B 108 -17.81 -4.06 4.10
CA GLY B 108 -17.79 -4.97 5.25
C GLY B 108 -17.03 -6.24 4.90
N PRO B 109 -16.96 -7.19 5.84
CA PRO B 109 -17.65 -7.16 7.13
C PRO B 109 -17.11 -6.11 8.09
N PHE B 110 -17.87 -5.83 9.15
CA PHE B 110 -17.47 -4.83 10.13
C PHE B 110 -17.18 -5.49 11.48
N ASN B 111 -16.30 -4.89 12.27
CA ASN B 111 -15.97 -5.40 13.61
C ASN B 111 -17.13 -5.41 14.58
N ASN B 112 -17.88 -4.32 14.63
CA ASN B 112 -18.97 -4.20 15.61
C ASN B 112 -20.36 -3.89 15.04
N LEU B 113 -20.57 -4.22 13.77
CA LEU B 113 -21.85 -4.06 13.09
C LEU B 113 -22.10 -5.35 12.32
N LYS B 114 -23.35 -5.83 12.33
CA LYS B 114 -23.71 -6.99 11.53
C LYS B 114 -23.99 -6.53 10.11
N GLY B 115 -23.88 -7.45 9.16
CA GLY B 115 -24.36 -7.20 7.81
C GLY B 115 -23.34 -6.58 6.89
N ILE B 116 -23.80 -6.15 5.72
CA ILE B 116 -22.94 -5.72 4.64
C ILE B 116 -23.62 -4.53 3.98
N ALA B 117 -22.83 -3.52 3.63
CA ALA B 117 -23.37 -2.29 3.10
C ALA B 117 -23.46 -2.40 1.60
N ARG B 118 -24.70 -2.39 1.08
CA ARG B 118 -24.93 -2.52 -0.35
C ARG B 118 -25.52 -1.29 -1.00
N LEU B 119 -24.68 -0.61 -1.76
CA LEU B 119 -25.13 0.50 -2.57
C LEU B 119 -26.40 0.13 -3.35
N SER B 120 -26.52 -1.11 -3.80
CA SER B 120 -27.65 -1.54 -4.62
C SER B 120 -28.98 -1.52 -3.83
N ASP B 121 -28.88 -1.63 -2.51
CA ASP B 121 -30.05 -1.60 -1.63
C ASP B 121 -30.48 -0.21 -1.16
N TYR B 122 -29.73 0.82 -1.56
CA TYR B 122 -29.98 2.19 -1.14
C TYR B 122 -30.91 2.88 -2.14
N PRO B 123 -31.80 3.77 -1.65
CA PRO B 123 -32.71 4.55 -2.50
C PRO B 123 -32.01 5.52 -3.45
N LYS B 124 -32.35 5.44 -4.74
CA LYS B 124 -31.70 6.24 -5.77
C LYS B 124 -32.02 7.71 -5.58
N ALA B 125 -33.04 7.99 -4.78
CA ALA B 125 -33.38 9.37 -4.48
C ALA B 125 -32.20 10.07 -3.78
N LEU B 126 -31.49 9.31 -2.94
CA LEU B 126 -30.31 9.82 -2.23
C LEU B 126 -28.99 9.40 -2.89
N PHE B 127 -29.03 8.32 -3.66
CA PHE B 127 -27.86 7.82 -4.36
C PHE B 127 -28.12 7.69 -5.88
N PRO B 128 -28.12 8.81 -6.61
CA PRO B 128 -28.33 8.77 -8.07
C PRO B 128 -27.36 7.83 -8.81
N PRO B 129 -27.89 6.95 -9.67
CA PRO B 129 -27.12 5.93 -10.39
C PRO B 129 -25.93 6.52 -11.10
N GLY B 130 -24.78 5.88 -10.98
CA GLY B 130 -23.58 6.38 -11.66
C GLY B 130 -22.94 7.59 -11.00
N HIS B 131 -23.61 8.14 -9.99
CA HIS B 131 -23.09 9.26 -9.24
C HIS B 131 -23.01 8.95 -7.75
N SER B 132 -22.85 7.68 -7.40
CA SER B 132 -22.91 7.27 -6.00
C SER B 132 -21.81 6.30 -5.59
N ALA B 133 -21.44 6.31 -4.31
CA ALA B 133 -20.30 5.52 -3.86
C ALA B 133 -20.31 5.25 -2.36
N ILE B 134 -19.93 4.05 -1.99
CA ILE B 134 -19.62 3.79 -0.60
C ILE B 134 -18.09 3.87 -0.48
N LEU B 135 -17.61 4.69 0.44
CA LEU B 135 -16.19 4.80 0.71
C LEU B 135 -15.89 4.07 2.01
N ASN B 136 -14.65 3.66 2.19
CA ASN B 136 -14.23 3.23 3.53
C ASN B 136 -14.02 4.53 4.35
N ASP B 137 -14.12 4.44 5.68
CA ASP B 137 -13.98 5.62 6.52
C ASP B 137 -12.69 6.42 6.30
N LEU B 138 -11.54 5.76 6.37
CA LEU B 138 -10.23 6.41 6.08
C LEU B 138 -9.99 6.75 4.61
N GLU B 139 -10.61 6.00 3.72
CA GLU B 139 -10.67 6.44 2.32
C GLU B 139 -11.27 7.84 2.32
N ALA B 140 -12.48 7.99 2.89
CA ALA B 140 -13.09 9.30 3.07
C ALA B 140 -12.18 10.28 3.82
N GLY B 141 -11.64 9.84 4.95
CA GLY B 141 -10.73 10.67 5.70
C GLY B 141 -9.58 11.20 4.87
N GLY B 142 -9.02 10.33 4.01
CA GLY B 142 -7.95 10.73 3.09
C GLY B 142 -8.37 11.80 2.11
N PHE B 143 -9.54 11.64 1.50
CA PHE B 143 -10.06 12.70 0.60
C PHE B 143 -10.23 14.03 1.34
N GLY B 144 -10.61 13.93 2.62
CA GLY B 144 -10.81 15.11 3.46
C GLY B 144 -9.52 15.80 3.83
N VAL B 145 -8.46 15.02 3.94
CA VAL B 145 -7.12 15.55 4.19
C VAL B 145 -6.65 16.30 2.96
N LEU B 146 -6.94 15.76 1.78
CA LEU B 146 -6.67 16.46 0.52
C LEU B 146 -7.45 17.77 0.38
N ALA B 147 -8.75 17.71 0.72
CA ALA B 147 -9.63 18.87 0.69
C ALA B 147 -9.05 20.02 1.50
N VAL B 148 -8.61 19.73 2.72
CA VAL B 148 -7.97 20.70 3.59
C VAL B 148 -6.70 21.29 2.96
N SER B 149 -5.92 20.43 2.31
CA SER B 149 -4.67 20.84 1.65
C SER B 149 -4.92 21.78 0.46
N ASP B 150 -5.88 21.43 -0.37
CA ASP B 150 -6.21 22.26 -1.52
C ASP B 150 -6.78 23.62 -1.08
N ALA B 151 -7.43 23.62 0.09
CA ALA B 151 -8.03 24.84 0.65
C ALA B 151 -6.99 25.74 1.33
N HIS B 152 -5.73 25.34 1.26
CA HIS B 152 -4.60 26.15 1.72
C HIS B 152 -4.60 26.39 3.21
N VAL B 153 -5.16 25.45 3.96
CA VAL B 153 -5.28 25.63 5.37
C VAL B 153 -4.84 24.38 6.16
N PHE B 154 -3.81 23.72 5.62
CA PHE B 154 -3.27 22.50 6.21
C PHE B 154 -2.73 22.80 7.60
N SER B 155 -2.02 23.92 7.74
CA SER B 155 -1.40 24.34 8.99
C SER B 155 -2.37 24.75 10.09
N GLU B 156 -3.63 24.94 9.72
CA GLU B 156 -4.68 25.26 10.68
C GLU B 156 -5.23 24.02 11.38
N TYR B 157 -5.24 22.88 10.68
CA TYR B 157 -5.81 21.64 11.20
C TYR B 157 -4.79 20.61 11.62
N PHE B 158 -3.56 20.72 11.10
CA PHE B 158 -2.52 19.73 11.40
C PHE B 158 -1.27 20.38 11.98
N GLY B 159 -0.74 19.75 13.03
CA GLY B 159 0.51 20.20 13.67
C GLY B 159 1.64 19.20 13.42
N VAL B 160 2.85 19.73 13.25
CA VAL B 160 4.02 18.91 13.00
C VAL B 160 4.44 18.29 14.35
N MET B 161 4.53 16.98 14.41
CA MET B 161 5.12 16.36 15.60
C MET B 161 6.65 16.40 15.49
N TRP B 162 7.19 15.81 14.43
CA TRP B 162 8.60 16.05 14.08
C TRP B 162 8.74 15.94 12.59
N GLU B 163 9.64 16.73 12.05
CA GLU B 163 9.92 16.74 10.62
C GLU B 163 11.00 15.69 10.34
N GLY B 164 10.70 14.84 9.37
CA GLY B 164 11.61 13.80 9.01
C GLY B 164 12.74 14.34 8.20
N THR B 165 13.61 13.44 7.82
CA THR B 165 14.84 13.77 7.15
C THR B 165 14.54 14.15 5.69
N GLN B 166 13.47 13.59 5.15
CA GLN B 166 13.20 13.70 3.72
C GLN B 166 12.51 15.01 3.34
N TRP B 167 11.76 15.61 4.26
CA TRP B 167 10.96 16.79 3.90
C TRP B 167 11.76 17.91 3.21
N ARG B 168 12.85 18.37 3.84
CA ARG B 168 13.63 19.51 3.33
C ARG B 168 14.28 19.21 1.97
N THR B 169 14.41 17.93 1.68
CA THR B 169 15.02 17.41 0.47
C THR B 169 14.15 17.61 -0.78
N CYS B 170 12.84 17.74 -0.62
CA CYS B 170 11.96 17.76 -1.78
C CYS B 170 10.85 18.78 -1.63
N GLU B 171 10.92 19.55 -0.55
CA GLU B 171 9.88 20.49 -0.22
C GLU B 171 10.45 21.86 0.12
N GLN B 172 10.02 22.87 -0.62
CA GLN B 172 10.47 24.24 -0.38
C GLN B 172 9.77 24.74 0.88
N GLU B 173 8.50 24.38 1.00
CA GLU B 173 7.61 24.90 2.03
C GLU B 173 7.88 24.28 3.40
N PRO B 174 7.46 24.97 4.47
CA PRO B 174 7.64 24.45 5.82
C PRO B 174 6.83 23.18 6.05
N ALA B 175 7.37 22.24 6.83
CA ALA B 175 6.62 21.06 7.21
C ALA B 175 5.29 21.50 7.88
N GLY B 176 4.19 20.82 7.54
CA GLY B 176 2.90 21.14 8.12
C GLY B 176 2.10 22.18 7.34
N SER B 177 2.73 22.86 6.39
CA SER B 177 2.03 23.92 5.64
C SER B 177 1.28 23.40 4.42
N VAL B 178 1.72 22.24 3.95
CA VAL B 178 1.11 21.56 2.80
C VAL B 178 1.07 20.07 3.01
N ILE B 179 0.27 19.39 2.19
CA ILE B 179 0.24 17.94 2.28
C ILE B 179 1.61 17.41 1.84
N GLY B 180 2.12 17.98 0.76
CA GLY B 180 3.45 17.63 0.29
C GLY B 180 3.35 16.74 -0.92
N ARG B 181 4.30 16.85 -1.82
CA ARG B 181 4.33 16.03 -3.02
C ARG B 181 5.10 14.74 -2.71
N GLY B 182 4.37 13.77 -2.18
CA GLY B 182 4.93 12.51 -1.70
C GLY B 182 3.82 11.80 -0.97
N ARG B 183 3.94 10.51 -0.77
CA ARG B 183 2.89 9.75 -0.07
C ARG B 183 2.57 10.26 1.33
N CYS B 184 1.28 10.29 1.64
CA CYS B 184 0.80 10.59 2.99
C CYS B 184 0.04 9.40 3.60
N LEU B 185 0.50 8.90 4.74
CA LEU B 185 -0.21 7.79 5.41
C LEU B 185 -1.10 8.35 6.53
N VAL B 186 -2.40 8.15 6.41
CA VAL B 186 -3.39 8.64 7.40
C VAL B 186 -3.71 7.49 8.38
N LEU B 187 -3.54 7.75 9.67
CA LEU B 187 -3.90 6.79 10.69
C LEU B 187 -4.92 7.43 11.60
N ALA B 188 -6.00 6.69 11.86
CA ALA B 188 -7.04 7.16 12.75
C ALA B 188 -7.22 6.13 13.85
N PRO B 189 -6.54 6.30 14.97
CA PRO B 189 -6.69 5.46 16.15
C PRO B 189 -7.96 5.79 16.94
N GLY B 190 -9.00 4.97 16.80
CA GLY B 190 -10.24 5.15 17.55
C GLY B 190 -10.72 3.87 18.19
N THR B 191 -11.98 3.53 17.96
CA THR B 191 -12.50 2.23 18.39
C THR B 191 -11.75 1.12 17.67
N GLY B 192 -11.44 1.40 16.40
CA GLY B 192 -10.55 0.56 15.61
C GLY B 192 -9.41 1.41 15.08
N LEU B 193 -8.54 0.82 14.27
CA LEU B 193 -7.42 1.54 13.72
C LEU B 193 -7.62 1.68 12.22
N GLY B 194 -7.90 2.89 11.76
CA GLY B 194 -8.01 3.17 10.33
C GLY B 194 -6.67 3.52 9.73
N SER B 195 -6.53 3.24 8.43
CA SER B 195 -5.35 3.56 7.67
C SER B 195 -5.66 3.77 6.18
N SER B 196 -5.09 4.78 5.56
CA SER B 196 -5.20 4.91 4.11
C SER B 196 -3.95 5.60 3.58
N LEU B 197 -3.53 5.25 2.37
CA LEU B 197 -2.34 5.86 1.84
C LEU B 197 -2.73 6.82 0.73
N ILE B 198 -2.40 8.09 0.87
CA ILE B 198 -2.58 9.04 -0.23
C ILE B 198 -1.33 9.01 -1.11
N TYR B 199 -1.39 8.29 -2.23
CA TYR B 199 -0.25 8.16 -3.11
C TYR B 199 -0.21 9.38 -4.03
N TYR B 200 0.98 9.79 -4.42
CA TYR B 200 1.15 10.91 -5.34
C TYR B 200 2.02 10.54 -6.55
N ASN B 201 1.58 10.99 -7.73
CA ASN B 201 2.41 11.07 -8.95
C ASN B 201 1.59 11.27 -10.23
N PRO B 202 2.02 12.24 -11.08
CA PRO B 202 1.40 12.58 -12.37
C PRO B 202 0.78 11.39 -13.09
N GLN B 206 -2.85 12.55 -10.03
CA GLN B 206 -1.89 13.28 -9.21
C GLN B 206 -1.86 12.69 -7.78
N HIS B 207 -2.98 12.82 -7.07
CA HIS B 207 -3.13 12.24 -5.73
C HIS B 207 -4.22 11.20 -5.80
N ILE B 208 -3.91 9.97 -5.40
CA ILE B 208 -4.98 8.99 -5.28
C ILE B 208 -5.05 8.44 -3.86
N VAL B 209 -6.26 8.14 -3.39
CA VAL B 209 -6.41 7.59 -2.05
C VAL B 209 -6.53 6.06 -2.10
N VAL B 210 -5.54 5.40 -1.53
CA VAL B 210 -5.63 3.96 -1.48
C VAL B 210 -5.92 3.38 -0.11
N PRO B 211 -7.13 2.84 0.06
CA PRO B 211 -7.57 2.26 1.33
C PRO B 211 -6.70 1.09 1.70
N LEU B 212 -6.47 0.91 3.00
CA LEU B 212 -5.56 -0.09 3.54
C LEU B 212 -6.16 -0.69 4.78
N GLU B 213 -5.66 -1.84 5.21
CA GLU B 213 -6.16 -2.45 6.42
C GLU B 213 -4.99 -2.84 7.29
N LEU B 214 -4.17 -1.86 7.67
CA LEU B 214 -2.90 -2.11 8.30
C LEU B 214 -3.12 -2.66 9.67
N GLY B 215 -4.18 -2.21 10.32
CA GLY B 215 -4.52 -2.60 11.66
C GLY B 215 -4.80 -4.06 11.82
N SER B 216 -5.32 -4.69 10.76
CA SER B 216 -5.61 -6.12 10.82
C SER B 216 -4.46 -7.09 10.58
N GLN B 217 -3.27 -6.55 10.32
CA GLN B 217 -2.08 -7.34 10.11
C GLN B 217 -1.60 -7.88 11.44
N THR B 218 -0.99 -9.04 11.41
CA THR B 218 -0.45 -9.63 12.64
C THR B 218 0.66 -8.75 13.21
N LEU B 219 0.57 -8.52 14.52
CA LEU B 219 1.53 -7.72 15.25
C LEU B 219 2.83 -8.48 15.41
N PRO B 220 3.93 -7.92 14.89
CA PRO B 220 5.21 -8.58 15.09
C PRO B 220 5.76 -8.31 16.49
N MET B 221 6.30 -9.35 17.10
CA MET B 221 6.94 -9.23 18.39
C MET B 221 8.34 -8.67 18.22
N ARG B 222 8.64 -7.61 18.98
CA ARG B 222 10.01 -7.16 19.22
C ARG B 222 10.55 -7.78 20.52
N LYS B 223 10.68 -7.00 21.59
CA LYS B 223 11.06 -7.61 22.89
C LYS B 223 9.84 -7.66 23.84
N ASP B 224 8.71 -8.07 23.29
CA ASP B 224 7.45 -8.03 24.00
C ASP B 224 6.70 -9.33 23.82
N ILE B 225 7.44 -10.41 23.65
CA ILE B 225 6.80 -11.70 23.51
C ILE B 225 5.74 -11.93 24.59
N ASP B 226 6.13 -11.76 25.87
CA ASP B 226 5.18 -11.96 27.00
C ASP B 226 3.95 -11.04 26.98
N TYR B 227 4.13 -9.76 26.64
CA TYR B 227 3.00 -8.85 26.57
C TYR B 227 2.03 -9.36 25.52
N ILE B 228 2.55 -9.64 24.32
CA ILE B 228 1.72 -10.11 23.22
C ILE B 228 1.07 -11.43 23.59
N GLN B 229 1.80 -12.34 24.22
CA GLN B 229 1.20 -13.64 24.59
C GLN B 229 0.10 -13.48 25.64
N THR B 230 0.28 -12.50 26.52
CA THR B 230 -0.79 -12.16 27.47
C THR B 230 -2.04 -11.70 26.73
N LEU B 231 -1.91 -10.76 25.81
CA LEU B 231 -3.08 -10.37 25.07
C LEU B 231 -3.70 -11.56 24.33
N HIS B 232 -2.87 -12.34 23.63
CA HIS B 232 -3.29 -13.51 22.85
C HIS B 232 -4.17 -14.48 23.66
N ALA B 233 -3.75 -14.78 24.88
CA ALA B 233 -4.50 -15.69 25.72
C ALA B 233 -5.86 -15.10 26.10
N GLU B 234 -5.96 -13.77 26.16
CA GLU B 234 -7.24 -13.14 26.47
C GLU B 234 -8.14 -13.16 25.28
N LEU B 235 -7.57 -12.94 24.10
CA LEU B 235 -8.34 -12.88 22.87
C LEU B 235 -8.59 -14.26 22.29
N LYS B 236 -7.69 -15.20 22.56
CA LYS B 236 -7.68 -16.48 21.83
C LYS B 236 -7.51 -16.22 20.33
N LEU B 237 -6.72 -15.19 20.02
CA LEU B 237 -6.29 -14.91 18.66
C LEU B 237 -4.89 -14.37 18.77
N PHE B 238 -4.02 -14.67 17.81
CA PHE B 238 -2.76 -13.94 17.69
C PHE B 238 -3.14 -12.47 17.51
N PRO B 239 -2.62 -11.60 18.39
CA PRO B 239 -2.90 -10.17 18.32
C PRO B 239 -2.47 -9.48 17.03
N ASN B 240 -3.32 -8.56 16.54
CA ASN B 240 -2.96 -7.66 15.46
C ASN B 240 -2.67 -6.25 16.01
N TYR B 241 -2.37 -5.28 15.13
CA TYR B 241 -2.02 -3.94 15.61
C TYR B 241 -3.21 -3.32 16.33
N GLU B 242 -4.38 -3.41 15.72
CA GLU B 242 -5.57 -2.78 16.26
C GLU B 242 -5.91 -3.31 17.66
N ASN B 243 -5.55 -4.56 17.98
CA ASN B 243 -5.74 -5.04 19.36
C ASN B 243 -4.94 -4.26 20.40
N MET B 244 -3.82 -3.67 19.98
CA MET B 244 -3.01 -2.88 20.92
C MET B 244 -3.32 -1.38 20.84
N VAL B 245 -3.79 -0.94 19.66
CA VAL B 245 -4.00 0.45 19.40
C VAL B 245 -5.47 0.58 19.01
N SER B 246 -6.31 0.62 20.04
CA SER B 246 -7.74 0.81 19.90
C SER B 246 -8.28 1.08 21.28
N GLY B 247 -9.57 1.39 21.36
CA GLY B 247 -10.25 1.54 22.61
C GLY B 247 -9.98 0.36 23.52
N ALA B 248 -10.25 -0.84 23.03
CA ALA B 248 -10.03 -2.08 23.76
C ALA B 248 -8.55 -2.30 24.10
N GLY B 249 -7.67 -1.98 23.16
CA GLY B 249 -6.22 -1.97 23.42
C GLY B 249 -5.83 -1.06 24.59
N LEU B 250 -6.23 0.20 24.55
CA LEU B 250 -5.98 1.11 25.70
C LEU B 250 -6.49 0.51 27.02
N GLU B 251 -7.69 -0.04 27.04
CA GLU B 251 -8.19 -0.68 28.26
C GLU B 251 -7.31 -1.83 28.71
N PHE B 252 -6.86 -2.66 27.77
CA PHE B 252 -5.87 -3.70 28.08
C PHE B 252 -4.61 -3.12 28.72
N HIS B 253 -4.08 -2.06 28.12
CA HIS B 253 -2.82 -1.47 28.59
C HIS B 253 -3.01 -0.93 30.01
N TYR B 254 -4.16 -0.30 30.27
CA TYR B 254 -4.48 0.11 31.64
C TYR B 254 -4.56 -1.07 32.65
N ARG B 255 -5.33 -2.10 32.31
CA ARG B 255 -5.43 -3.29 33.18
C ARG B 255 -4.08 -3.88 33.50
N GLN B 256 -3.18 -3.89 32.51
CA GLN B 256 -1.86 -4.44 32.69
C GLN B 256 -0.99 -3.54 33.57
N VAL B 257 -1.18 -2.24 33.46
CA VAL B 257 -0.52 -1.34 34.41
C VAL B 257 -1.01 -1.57 35.85
N VAL B 258 -2.32 -1.60 36.06
CA VAL B 258 -2.86 -1.58 37.43
C VAL B 258 -2.88 -2.92 38.18
N ARG B 259 -2.90 -4.02 37.44
CA ARG B 259 -2.83 -5.36 38.05
C ARG B 259 -3.75 -5.53 39.26
N GLY B 260 -5.05 -5.28 39.06
CA GLY B 260 -6.05 -5.48 40.10
C GLY B 260 -6.15 -4.41 41.18
N SER B 261 -5.10 -3.59 41.30
CA SER B 261 -5.05 -2.53 42.32
C SER B 261 -6.05 -1.41 42.08
N ARG B 262 -6.73 -1.43 40.94
CA ARG B 262 -7.70 -0.39 40.61
C ARG B 262 -8.78 -0.97 39.71
N PRO B 263 -10.02 -0.50 39.86
CA PRO B 263 -11.09 -0.96 38.98
C PRO B 263 -10.73 -0.72 37.51
N PRO B 264 -11.30 -1.52 36.60
CA PRO B 264 -11.10 -1.34 35.16
C PRO B 264 -11.74 -0.03 34.68
N CYS B 265 -11.12 0.63 33.71
CA CYS B 265 -11.66 1.86 33.16
C CYS B 265 -11.78 1.73 31.67
N SER B 266 -12.75 2.44 31.12
CA SER B 266 -12.90 2.53 29.67
C SER B 266 -11.82 3.42 29.07
N ALA B 267 -11.67 3.34 27.75
CA ALA B 267 -10.66 4.11 27.07
C ALA B 267 -10.82 5.57 27.42
N GLY B 268 -12.05 6.07 27.35
CA GLY B 268 -12.38 7.49 27.59
C GLY B 268 -11.97 7.93 28.98
N GLU B 269 -12.37 7.14 29.99
CA GLU B 269 -12.03 7.47 31.35
CA GLU B 269 -11.99 7.35 31.38
C GLU B 269 -10.50 7.44 31.54
N ILE B 270 -9.78 6.60 30.80
CA ILE B 270 -8.31 6.45 30.94
C ILE B 270 -7.59 7.67 30.36
N ALA B 271 -8.03 8.11 29.18
CA ALA B 271 -7.44 9.31 28.58
C ALA B 271 -7.76 10.56 29.42
N LYS B 272 -8.98 10.65 29.94
CA LYS B 272 -9.34 11.73 30.88
C LYS B 272 -8.42 11.75 32.11
N LEU B 273 -8.30 10.61 32.79
CA LEU B 273 -7.36 10.47 33.88
C LEU B 273 -5.95 10.90 33.47
N ALA B 274 -5.53 10.49 32.27
CA ALA B 274 -4.23 10.87 31.75
C ALA B 274 -4.10 12.40 31.61
N SER B 275 -5.14 13.05 31.08
CA SER B 275 -5.18 14.52 30.91
C SER B 275 -5.08 15.27 32.24
N GLU B 276 -5.49 14.60 33.31
CA GLU B 276 -5.38 15.10 34.68
C GLU B 276 -4.09 14.70 35.36
N GLY B 277 -3.31 13.86 34.71
CA GLY B 277 -1.99 13.56 35.20
C GLY B 277 -1.86 12.32 36.04
N ASP B 278 -2.87 11.45 36.03
CA ASP B 278 -2.76 10.18 36.74
C ASP B 278 -1.62 9.31 36.18
N ALA B 279 -0.79 8.78 37.07
CA ALA B 279 0.40 8.08 36.66
C ALA B 279 0.10 6.78 35.90
N ASN B 280 -0.85 5.99 36.41
CA ASN B 280 -1.28 4.74 35.77
C ASN B 280 -1.84 4.97 34.35
N ALA B 281 -2.80 5.87 34.22
CA ALA B 281 -3.35 6.17 32.91
C ALA B 281 -2.32 6.71 31.93
N CYS B 282 -1.31 7.43 32.43
CA CYS B 282 -0.28 7.98 31.57
C CYS B 282 0.62 6.86 31.06
N LYS B 283 0.91 5.90 31.95
CA LYS B 283 1.61 4.68 31.57
C LYS B 283 0.82 3.89 30.54
N ALA B 284 -0.46 3.68 30.80
CA ALA B 284 -1.31 3.03 29.81
C ALA B 284 -1.26 3.75 28.46
N MET B 285 -1.33 5.08 28.50
CA MET B 285 -1.32 5.88 27.25
C MET B 285 0.05 5.82 26.54
N LYS B 286 1.10 5.60 27.33
CA LYS B 286 2.45 5.54 26.75
C LYS B 286 2.61 4.25 25.94
N LYS B 287 2.13 3.15 26.52
CA LYS B 287 2.15 1.84 25.89
C LYS B 287 1.28 1.79 24.61
N TYR B 288 0.12 2.41 24.64
CA TYR B 288 -0.76 2.50 23.48
C TYR B 288 -0.07 3.23 22.35
N HIS B 289 0.68 4.27 22.70
CA HIS B 289 1.36 5.10 21.71
C HIS B 289 2.66 4.48 21.26
N GLU B 290 3.26 3.62 22.08
CA GLU B 290 4.36 2.78 21.66
C GLU B 290 3.97 1.83 20.51
N TYR B 291 2.85 1.14 20.66
CA TYR B 291 2.35 0.27 19.59
C TYR B 291 1.89 1.09 18.35
N LEU B 292 1.43 2.31 18.57
CA LEU B 292 0.99 3.14 17.37
C LEU B 292 2.24 3.48 16.59
N MET B 293 3.34 3.73 17.31
CA MET B 293 4.64 4.00 16.70
C MET B 293 5.24 2.79 15.96
N ARG B 294 4.91 1.57 16.40
CA ARG B 294 5.33 0.38 15.71
C ARG B 294 4.53 0.22 14.44
N VAL B 295 3.25 0.56 14.50
CA VAL B 295 2.46 0.63 13.29
C VAL B 295 3.18 1.58 12.33
N GLY B 296 3.67 2.67 12.88
CA GLY B 296 4.26 3.72 12.06
C GLY B 296 5.62 3.38 11.49
N SER B 297 6.47 2.74 12.29
CA SER B 297 7.79 2.36 11.82
C SER B 297 7.72 1.24 10.83
N GLU B 298 6.74 0.35 10.93
CA GLU B 298 6.71 -0.77 9.97
C GLU B 298 6.15 -0.26 8.64
N ALA B 299 5.16 0.61 8.71
CA ALA B 299 4.51 1.15 7.49
C ALA B 299 5.33 2.22 6.80
N SER B 300 6.20 2.89 7.56
CA SER B 300 7.19 3.80 6.98
C SER B 300 8.12 3.04 6.07
N MET B 301 8.47 1.83 6.49
CA MET B 301 9.24 0.94 5.65
C MET B 301 8.41 0.47 4.48
N ALA B 302 7.31 -0.22 4.77
CA ALA B 302 6.50 -0.85 3.77
C ALA B 302 5.96 0.12 2.72
N LEU B 303 5.57 1.33 3.13
CA LEU B 303 4.78 2.21 2.22
C LEU B 303 5.53 3.45 1.77
N LEU B 304 6.73 3.63 2.32
CA LEU B 304 7.61 4.74 2.00
C LEU B 304 6.91 6.10 1.98
N PRO B 305 6.24 6.47 3.09
CA PRO B 305 5.57 7.75 3.02
C PRO B 305 6.52 8.92 3.33
N LEU B 306 6.21 10.06 2.74
CA LEU B 306 6.87 11.29 3.06
C LEU B 306 6.38 11.81 4.40
N THR B 307 5.09 11.64 4.66
CA THR B 307 4.47 12.06 5.92
C THR B 307 3.49 11.02 6.46
N ILE B 308 3.34 11.00 7.77
CA ILE B 308 2.30 10.25 8.42
C ILE B 308 1.41 11.25 9.16
N VAL B 309 0.10 11.09 9.08
CA VAL B 309 -0.80 12.05 9.65
C VAL B 309 -1.83 11.35 10.52
N LEU B 310 -1.68 11.50 11.85
CA LEU B 310 -2.63 11.03 12.84
C LEU B 310 -3.90 11.87 12.88
N VAL B 311 -5.06 11.26 12.62
CA VAL B 311 -6.31 12.01 12.57
C VAL B 311 -7.45 11.47 13.43
N GLY B 312 -8.44 12.33 13.66
CA GLY B 312 -9.64 11.93 14.41
C GLY B 312 -9.89 12.79 15.63
N ASP B 313 -11.10 12.69 16.19
CA ASP B 313 -11.43 13.43 17.41
C ASP B 313 -10.49 13.05 18.55
N ASN B 314 -10.28 11.76 18.75
CA ASN B 314 -9.35 11.28 19.79
C ASN B 314 -7.99 11.98 19.74
N ILE B 315 -7.46 12.14 18.53
CA ILE B 315 -6.15 12.72 18.34
C ILE B 315 -6.17 14.20 18.76
N VAL B 316 -7.17 14.93 18.31
CA VAL B 316 -7.23 16.33 18.71
C VAL B 316 -7.41 16.38 20.23
N ASN B 317 -8.26 15.52 20.73
CA ASN B 317 -8.61 15.58 22.13
C ASN B 317 -7.45 15.14 23.00
N ASN B 318 -6.56 14.32 22.45
CA ASN B 318 -5.42 13.82 23.22
C ASN B 318 -4.21 14.70 23.02
N ALA B 319 -4.40 15.88 22.42
CA ALA B 319 -3.27 16.77 22.19
C ALA B 319 -2.35 16.93 23.40
N PHE B 320 -2.91 16.93 24.61
CA PHE B 320 -2.09 17.04 25.83
C PHE B 320 -0.99 15.98 25.84
N PHE B 321 -1.30 14.82 25.26
CA PHE B 321 -0.32 13.74 25.25
C PHE B 321 0.80 14.06 24.29
N TYR B 322 0.45 14.61 23.13
CA TYR B 322 1.41 14.90 22.08
C TYR B 322 2.26 16.15 22.33
N ARG B 323 1.70 17.11 23.10
CA ARG B 323 2.42 18.36 23.42
C ARG B 323 3.43 18.17 24.56
N ASN B 324 3.22 17.17 25.41
CA ASN B 324 4.20 16.86 26.46
C ASN B 324 5.53 16.42 25.84
N PRO B 325 6.61 17.20 26.05
CA PRO B 325 7.84 16.99 25.27
C PRO B 325 8.60 15.69 25.55
N GLN B 326 8.47 15.14 26.75
CA GLN B 326 9.07 13.84 27.04
C GLN B 326 8.30 12.76 26.26
N ASN B 327 6.97 12.84 26.25
CA ASN B 327 6.16 11.88 25.53
C ASN B 327 6.50 11.89 24.06
N LEU B 328 6.65 13.08 23.50
CA LEU B 328 6.90 13.28 22.08
C LEU B 328 8.25 12.69 21.68
N LYS B 329 9.23 12.92 22.54
CA LYS B 329 10.58 12.42 22.38
C LYS B 329 10.56 10.87 22.44
N GLU B 330 9.78 10.34 23.38
N GLU B 330 9.82 10.33 23.40
CA GLU B 330 9.60 8.89 23.51
CA GLU B 330 9.62 8.88 23.48
C GLU B 330 8.98 8.30 22.26
C GLU B 330 9.03 8.35 22.19
N MET B 331 7.92 8.92 21.75
CA MET B 331 7.28 8.48 20.52
C MET B 331 8.24 8.51 19.33
N HIS B 332 9.10 9.52 19.31
CA HIS B 332 10.00 9.68 18.20
C HIS B 332 11.04 8.59 18.21
N HIS B 333 11.59 8.29 19.39
CA HIS B 333 12.55 7.19 19.52
C HIS B 333 11.91 5.87 19.07
N GLU B 334 10.63 5.72 19.38
CA GLU B 334 9.87 4.51 19.06
C GLU B 334 9.63 4.38 17.57
N ALA B 335 9.26 5.49 16.93
CA ALA B 335 9.10 5.52 15.49
C ALA B 335 10.35 5.10 14.74
N LEU B 336 11.51 5.14 15.41
CA LEU B 336 12.80 4.86 14.74
C LEU B 336 13.40 3.53 15.14
N ASN B 337 12.68 2.80 16.00
CA ASN B 337 13.15 1.52 16.52
C ASN B 337 12.72 0.46 15.49
N HIS B 338 13.53 0.31 14.45
CA HIS B 338 13.28 -0.63 13.38
C HIS B 338 14.68 -0.96 12.86
N GLU B 339 14.89 -2.16 12.33
CA GLU B 339 16.19 -2.53 11.79
C GLU B 339 16.54 -1.74 10.56
N MET B 340 15.54 -1.30 9.79
CA MET B 340 15.80 -0.56 8.57
C MET B 340 16.20 0.90 8.81
N GLU B 341 16.12 1.38 10.04
CA GLU B 341 16.59 2.73 10.35
C GLU B 341 18.10 2.87 10.17
N ARG B 342 18.84 1.75 10.20
CA ARG B 342 20.25 1.75 9.83
C ARG B 342 20.46 2.23 8.39
N PHE B 343 19.40 2.23 7.59
CA PHE B 343 19.42 2.81 6.21
C PHE B 343 18.66 4.14 6.17
N GLY B 344 18.20 4.56 7.35
CA GLY B 344 17.51 5.83 7.54
C GLY B 344 16.06 5.91 7.07
N PHE B 345 15.40 4.77 6.87
CA PHE B 345 14.05 4.78 6.31
C PHE B 345 12.99 5.35 7.23
N GLN B 346 13.10 5.05 8.52
CA GLN B 346 12.15 5.54 9.51
C GLN B 346 12.32 7.04 9.77
N SER B 347 13.54 7.53 9.69
CA SER B 347 13.81 8.94 10.00
C SER B 347 13.49 9.84 8.79
N ARG B 348 13.19 9.25 7.64
CA ARG B 348 12.79 10.05 6.44
C ARG B 348 11.43 10.72 6.68
N VAL B 349 10.64 10.10 7.54
CA VAL B 349 9.21 10.38 7.59
C VAL B 349 8.91 11.50 8.56
N SER B 350 8.08 12.46 8.13
CA SER B 350 7.53 13.51 9.03
C SER B 350 6.20 13.04 9.64
N TYR B 351 6.02 13.28 10.93
CA TYR B 351 4.78 12.95 11.61
C TYR B 351 4.03 14.20 11.96
N LEU B 352 2.71 14.15 11.77
CA LEU B 352 1.83 15.26 12.04
C LEU B 352 0.59 14.73 12.66
N ARG B 353 -0.10 15.55 13.44
CA ARG B 353 -1.33 15.12 14.12
C ARG B 353 -2.40 16.16 13.90
N GLN B 354 -3.65 15.73 13.85
CA GLN B 354 -4.73 16.68 13.70
C GLN B 354 -4.79 17.45 15.01
N LYS B 355 -4.84 18.78 14.93
CA LYS B 355 -4.84 19.58 16.14
C LYS B 355 -6.11 20.42 16.29
N LYS B 356 -6.95 20.41 15.26
CA LYS B 356 -8.23 21.11 15.31
C LYS B 356 -9.36 20.22 14.82
N LEU B 357 -10.43 20.13 15.61
CA LEU B 357 -11.57 19.29 15.28
C LEU B 357 -12.12 19.59 13.88
N LEU B 358 -12.44 18.53 13.14
CA LEU B 358 -12.95 18.67 11.77
C LEU B 358 -13.37 17.32 11.27
N ASN B 359 -14.60 17.20 10.78
CA ASN B 359 -15.05 15.92 10.25
C ASN B 359 -14.49 15.70 8.85
N LEU B 360 -13.31 15.08 8.84
CA LEU B 360 -12.59 14.71 7.62
C LEU B 360 -13.36 13.79 6.73
N ASN B 361 -14.04 12.84 7.34
CA ASN B 361 -14.78 11.86 6.61
C ASN B 361 -15.89 12.53 5.76
N LEU B 362 -16.65 13.45 6.33
CA LEU B 362 -17.73 14.17 5.63
C LEU B 362 -17.22 15.09 4.55
N MET B 363 -16.05 15.66 4.81
CA MET B 363 -15.38 16.47 3.82
C MET B 363 -14.92 15.61 2.65
N GLY B 364 -14.41 14.42 2.95
CA GLY B 364 -14.05 13.47 1.90
C GLY B 364 -15.24 12.93 1.11
N CYS B 365 -16.36 12.68 1.78
CA CYS B 365 -17.56 12.21 1.07
C CYS B 365 -17.97 13.30 0.09
N TYR B 366 -17.88 14.54 0.53
CA TYR B 366 -18.22 15.64 -0.33
C TYR B 366 -17.24 15.77 -1.51
N ARG B 367 -15.94 15.81 -1.21
CA ARG B 367 -14.94 15.95 -2.27
C ARG B 367 -15.14 14.90 -3.33
N CYS B 368 -15.37 13.68 -2.89
CA CYS B 368 -15.58 12.59 -3.81
C CYS B 368 -16.89 12.73 -4.59
N GLY B 369 -17.93 13.26 -3.96
CA GLY B 369 -19.23 13.43 -4.61
C GLY B 369 -19.20 14.50 -5.68
N LEU B 370 -18.17 15.35 -5.62
CA LEU B 370 -17.86 16.31 -6.67
C LEU B 370 -17.31 15.58 -7.90
N ASP B 371 -16.53 14.53 -7.68
CA ASP B 371 -16.01 13.72 -8.79
C ASP B 371 -17.11 12.91 -9.48
N LEU B 372 -18.10 12.50 -8.71
CA LEU B 372 -19.17 11.64 -9.21
C LEU B 372 -20.32 12.45 -9.81
N SER B 373 -20.26 13.77 -9.71
CA SER B 373 -21.27 14.60 -10.36
C SER B 373 -20.65 15.75 -11.19
C2 BGC C . 14.71 -3.95 -2.24
C3 BGC C . 13.51 -3.70 -3.12
C4 BGC C . 13.55 -4.58 -4.34
C5 BGC C . 13.70 -6.03 -3.91
C6 BGC C . 13.75 -6.88 -5.20
C1 BGC C . 14.68 -5.42 -1.84
O1 BGC C . 15.60 -5.76 -0.78
O2 BGC C . 14.57 -3.14 -1.06
O3 BGC C . 13.40 -2.32 -3.49
O4 BGC C . 12.28 -4.43 -4.99
O5 BGC C . 14.82 -6.28 -2.98
O6 BGC C . 14.98 -6.66 -5.86
PB ADP D . 18.23 -10.71 -8.65
O1B ADP D . 19.67 -10.83 -8.21
O2B ADP D . 17.23 -10.95 -7.52
O3B ADP D . 17.98 -9.48 -9.50
PA ADP D . 16.95 -13.07 -9.75
O1A ADP D . 17.21 -13.82 -11.03
O2A ADP D . 15.61 -12.45 -9.48
O3A ADP D . 18.07 -11.88 -9.74
O5' ADP D . 17.37 -14.03 -8.53
C5' ADP D . 18.69 -14.55 -8.48
C4' ADP D . 18.98 -14.96 -7.04
O4' ADP D . 17.92 -15.78 -6.53
C3' ADP D . 20.24 -15.81 -6.97
O3' ADP D . 21.41 -15.01 -6.75
C2' ADP D . 19.96 -16.78 -5.82
O2' ADP D . 20.36 -16.17 -4.59
C1' ADP D . 18.45 -16.93 -5.84
N9 ADP D . 18.01 -18.11 -6.65
C8 ADP D . 18.65 -18.66 -7.71
N7 ADP D . 17.95 -19.71 -8.21
C5 ADP D . 16.83 -19.85 -7.48
C6 ADP D . 15.66 -20.74 -7.45
N6 ADP D . 15.53 -21.75 -8.37
N1 ADP D . 14.71 -20.53 -6.50
C2 ADP D . 14.81 -19.54 -5.60
N3 ADP D . 15.85 -18.69 -5.55
C4 ADP D . 16.87 -18.79 -6.44
C2 BGC E . -11.78 -1.59 9.88
C3 BGC E . -11.29 -0.53 8.90
C4 BGC E . -11.61 0.85 9.45
C5 BGC E . -11.13 0.98 10.91
C6 BGC E . -11.54 2.27 11.57
C1 BGC E . -11.09 -1.32 11.20
O1 BGC E . -11.22 -2.34 12.16
O2 BGC E . -11.50 -2.90 9.39
O3 BGC E . -11.90 -0.71 7.63
O4 BGC E . -10.97 1.84 8.65
O5 BGC E . -11.61 -0.09 11.73
O6 BGC E . -12.95 2.21 11.85
PB ADP F . -15.49 5.20 16.38
O1B ADP F . -16.29 4.36 17.38
O2B ADP F . -14.06 4.73 16.17
O3B ADP F . -16.24 5.53 15.11
PA ADP F . -13.98 7.44 17.55
O1A ADP F . -14.44 8.84 17.86
O2A ADP F . -12.89 7.24 16.51
O3A ADP F . -15.34 6.64 17.13
O5' ADP F . -13.42 6.74 18.91
C5' ADP F . -14.24 6.09 19.87
C4' ADP F . -13.45 4.93 20.47
O4' ADP F . -12.19 5.37 21.02
C3' ADP F . -14.20 4.27 21.61
O3' ADP F . -13.89 2.86 21.57
C2' ADP F . -13.57 4.87 22.86
O2' ADP F . -13.62 3.91 23.93
C1' ADP F . -12.14 5.17 22.44
N9 ADP F . -11.65 6.46 23.03
C8 ADP F . -12.41 7.42 23.61
N7 ADP F . -11.64 8.46 24.01
C5 ADP F . -10.36 8.20 23.67
C6 ADP F . -9.06 8.88 23.80
N6 ADP F . -8.99 10.10 24.39
N1 ADP F . -7.96 8.25 23.29
C2 ADP F . -8.03 7.04 22.71
N3 ADP F . -9.18 6.35 22.56
C4 ADP F . -10.37 6.86 23.02
#